data_4UUM
#
_entry.id   4UUM
#
_cell.length_a   82.570
_cell.length_b   59.610
_cell.length_c   86.490
_cell.angle_alpha   90.00
_cell.angle_beta   116.18
_cell.angle_gamma   90.00
#
_symmetry.space_group_name_H-M   'P 1 21 1'
#
loop_
_entity.id
_entity.type
_entity.pdbx_description
1 polymer 'L-LACTATE DEHYDROGENASE'
2 water water
#
_entity_poly.entity_id   1
_entity_poly.type   'polypeptide(L)'
_entity_poly.pdbx_seq_one_letter_code
;MSEAAHVLITGAAGQIGYILSHWIASGELYGDRQVYLHLLDIPPAMNRLTALTMELEDCAFPHLAGFVATTDPKAAFKDI
DCAFLVASMPLKPGQVRADLISSNSVIFKNTGEYLSKWAKPSVKVLVIGNPDNTNCEIAMLHAKNLKPENFSSLSMLDQN
RAYYEVASKLGVDVKDVHDIIVWGNHGESMVADLTQATFTKEGKTQKVVDVLDHDYVFDTFFKKIGHRAWDILEHRGFTS
AASPTKAAIQHMKAWLFGTAPGEVLSMGIPVPEGNPYGIKPGVVFSFPCNVDKEGKIHVVEGFKVNDWLREKLDFTEKDL
FHEKEIALNHLAQLEHHHHHH
;
_entity_poly.pdbx_strand_id   A,B
#
# COMPACT_ATOMS: atom_id res chain seq x y z
N SER A 2 -14.71 -0.37 21.38
CA SER A 2 -15.42 0.26 20.27
C SER A 2 -15.86 -0.80 19.27
N GLU A 3 -16.97 -0.54 18.58
CA GLU A 3 -17.42 -1.45 17.53
C GLU A 3 -16.69 -1.11 16.24
N ALA A 4 -16.42 -2.13 15.44
CA ALA A 4 -15.71 -1.97 14.20
C ALA A 4 -16.43 -1.01 13.26
N ALA A 5 -15.66 -0.20 12.55
CA ALA A 5 -16.18 0.63 11.47
C ALA A 5 -16.32 -0.20 10.21
N HIS A 6 -17.48 -0.12 9.58
CA HIS A 6 -17.76 -0.87 8.36
C HIS A 6 -17.50 -0.01 7.14
N VAL A 7 -16.58 -0.46 6.31
CA VAL A 7 -16.03 0.34 5.22
C VAL A 7 -16.25 -0.37 3.90
N LEU A 8 -17.01 0.26 3.01
CA LEU A 8 -17.24 -0.28 1.67
C LEU A 8 -16.21 0.22 0.67
N ILE A 9 -15.71 -0.70 -0.14
CA ILE A 9 -14.92 -0.40 -1.31
C ILE A 9 -15.58 -1.09 -2.50
N THR A 10 -16.04 -0.31 -3.48
CA THR A 10 -16.53 -0.88 -4.73
C THR A 10 -15.36 -1.08 -5.71
N GLY A 11 -15.58 -1.90 -6.73
CA GLY A 11 -14.48 -2.27 -7.60
C GLY A 11 -13.31 -2.86 -6.83
N ALA A 12 -13.61 -3.59 -5.77
CA ALA A 12 -12.60 -4.01 -4.80
C ALA A 12 -11.51 -4.89 -5.36
N ALA A 13 -11.81 -5.61 -6.42
CA ALA A 13 -10.83 -6.51 -7.02
C ALA A 13 -9.84 -5.81 -7.93
N GLY A 14 -10.04 -4.52 -8.17
CA GLY A 14 -9.17 -3.79 -9.07
C GLY A 14 -7.90 -3.32 -8.36
N GLN A 15 -7.06 -2.62 -9.09
CA GLN A 15 -5.77 -2.18 -8.58
C GLN A 15 -5.88 -1.22 -7.38
N ILE A 16 -6.78 -0.25 -7.48
CA ILE A 16 -7.01 0.65 -6.36
C ILE A 16 -7.58 -0.14 -5.19
N GLY A 17 -8.60 -0.95 -5.42
CA GLY A 17 -9.20 -1.74 -4.35
C GLY A 17 -8.19 -2.57 -3.58
N TYR A 18 -7.27 -3.17 -4.33
CA TYR A 18 -6.24 -4.03 -3.79
C TYR A 18 -5.40 -3.28 -2.75
N ILE A 19 -4.89 -2.11 -3.15
CA ILE A 19 -4.02 -1.33 -2.28
C ILE A 19 -4.83 -0.66 -1.15
N LEU A 20 -5.98 -0.08 -1.53
CA LEU A 20 -6.83 0.63 -0.59
C LEU A 20 -7.28 -0.30 0.57
N SER A 21 -7.69 -1.51 0.23
CA SER A 21 -8.17 -2.44 1.26
CA SER A 21 -8.13 -2.49 1.23
C SER A 21 -7.04 -2.77 2.26
N HIS A 22 -5.83 -3.04 1.77
CA HIS A 22 -4.72 -3.35 2.65
C HIS A 22 -4.33 -2.14 3.52
N TRP A 23 -4.32 -0.95 2.91
N TRP A 23 -4.26 -0.94 2.94
CA TRP A 23 -3.89 0.27 3.60
CA TRP A 23 -3.83 0.21 3.72
C TRP A 23 -4.88 0.53 4.75
C TRP A 23 -4.88 0.63 4.75
N ILE A 24 -6.16 0.41 4.45
CA ILE A 24 -7.20 0.59 5.47
C ILE A 24 -7.09 -0.48 6.56
N ALA A 25 -6.89 -1.73 6.16
CA ALA A 25 -6.81 -2.82 7.12
C ALA A 25 -5.56 -2.71 8.03
N SER A 26 -4.54 -1.99 7.56
CA SER A 26 -3.33 -1.74 8.33
C SER A 26 -3.54 -0.77 9.50
N GLY A 27 -4.71 -0.13 9.56
CA GLY A 27 -5.04 0.76 10.66
C GLY A 27 -4.92 2.24 10.34
N GLU A 28 -4.53 2.59 9.12
CA GLU A 28 -4.20 3.97 8.76
C GLU A 28 -5.37 4.91 8.68
N LEU A 29 -6.57 4.37 8.51
CA LEU A 29 -7.74 5.23 8.31
C LEU A 29 -8.43 5.55 9.64
N TYR A 30 -8.76 4.53 10.42
CA TYR A 30 -9.57 4.67 11.61
C TYR A 30 -8.80 4.61 12.93
N GLY A 31 -7.48 4.64 12.86
CA GLY A 31 -6.71 4.65 14.11
C GLY A 31 -6.81 3.32 14.82
N ASP A 32 -7.07 3.35 16.13
CA ASP A 32 -7.09 2.11 16.93
C ASP A 32 -8.33 1.27 16.65
N ARG A 33 -9.37 1.90 16.13
CA ARG A 33 -10.63 1.21 15.89
C ARG A 33 -10.49 0.14 14.81
N GLN A 34 -11.08 -1.03 15.03
CA GLN A 34 -11.03 -2.04 13.97
C GLN A 34 -11.91 -1.64 12.80
N VAL A 35 -11.61 -2.22 11.65
CA VAL A 35 -12.39 -2.05 10.43
C VAL A 35 -12.92 -3.39 9.97
N TYR A 36 -14.13 -3.36 9.45
CA TYR A 36 -14.75 -4.51 8.84
C TYR A 36 -14.99 -4.12 7.39
N LEU A 37 -14.26 -4.74 6.49
CA LEU A 37 -14.31 -4.34 5.09
C LEU A 37 -15.47 -4.98 4.36
N HIS A 38 -16.17 -4.16 3.59
CA HIS A 38 -17.15 -4.64 2.64
C HIS A 38 -16.57 -4.48 1.24
N LEU A 39 -16.32 -5.59 0.59
CA LEU A 39 -15.61 -5.58 -0.69
C LEU A 39 -16.55 -6.04 -1.78
N LEU A 40 -16.93 -5.12 -2.66
CA LEU A 40 -17.89 -5.38 -3.72
C LEU A 40 -17.24 -5.34 -5.09
N ASP A 41 -17.56 -6.31 -5.94
CA ASP A 41 -17.22 -6.22 -7.34
C ASP A 41 -18.24 -7.01 -8.14
N ILE A 42 -18.00 -7.12 -9.44
CA ILE A 42 -18.97 -7.74 -10.33
C ILE A 42 -18.63 -9.21 -10.53
N PRO A 43 -19.61 -10.00 -11.01
CA PRO A 43 -19.43 -11.45 -11.12
C PRO A 43 -18.12 -11.93 -11.78
N PRO A 44 -17.70 -11.33 -12.90
CA PRO A 44 -16.47 -11.85 -13.53
C PRO A 44 -15.20 -11.59 -12.72
N ALA A 45 -15.31 -10.75 -11.70
CA ALA A 45 -14.16 -10.40 -10.87
C ALA A 45 -14.04 -11.23 -9.60
N MET A 46 -14.92 -12.21 -9.43
N MET A 46 -14.91 -12.22 -9.41
CA MET A 46 -15.02 -13.01 -8.19
CA MET A 46 -14.95 -12.94 -8.14
C MET A 46 -13.68 -13.67 -7.79
C MET A 46 -13.67 -13.69 -7.77
N ASN A 47 -12.97 -14.27 -8.74
CA ASN A 47 -11.70 -14.94 -8.43
C ASN A 47 -10.64 -13.95 -7.94
N ARG A 48 -10.50 -12.80 -8.60
CA ARG A 48 -9.57 -11.77 -8.16
C ARG A 48 -9.98 -11.25 -6.79
N LEU A 49 -11.27 -11.21 -6.53
CA LEU A 49 -11.74 -10.78 -5.23
C LEU A 49 -11.34 -11.80 -4.15
N THR A 50 -11.47 -13.08 -4.47
CA THR A 50 -11.07 -14.13 -3.55
C THR A 50 -9.58 -14.01 -3.27
N ALA A 51 -8.79 -13.78 -4.32
CA ALA A 51 -7.35 -13.61 -4.16
C ALA A 51 -7.05 -12.44 -3.21
N LEU A 52 -7.77 -11.34 -3.39
CA LEU A 52 -7.60 -10.21 -2.47
C LEU A 52 -7.87 -10.64 -1.03
N THR A 53 -8.98 -11.33 -0.77
CA THR A 53 -9.26 -11.73 0.60
C THR A 53 -8.15 -12.62 1.17
N MET A 54 -7.57 -13.47 0.35
CA MET A 54 -6.53 -14.38 0.82
C MET A 54 -5.30 -13.59 1.29
N GLU A 55 -4.92 -12.56 0.53
CA GLU A 55 -3.77 -11.76 0.95
C GLU A 55 -4.10 -10.93 2.18
N LEU A 56 -5.31 -10.40 2.28
CA LEU A 56 -5.70 -9.69 3.49
C LEU A 56 -5.55 -10.61 4.70
N GLU A 57 -6.07 -11.83 4.60
CA GLU A 57 -5.92 -12.81 5.67
C GLU A 57 -4.45 -13.03 6.02
N ASP A 58 -3.63 -13.12 4.99
CA ASP A 58 -2.21 -13.45 5.15
C ASP A 58 -1.36 -12.33 5.75
N CYS A 59 -1.98 -11.18 6.00
CA CYS A 59 -1.32 -10.10 6.72
C CYS A 59 -1.52 -10.17 8.24
N ALA A 60 -2.46 -10.98 8.71
CA ALA A 60 -2.77 -11.06 10.14
C ALA A 60 -2.89 -9.68 10.76
N PHE A 61 -3.68 -8.83 10.10
CA PHE A 61 -3.88 -7.46 10.53
C PHE A 61 -4.67 -7.39 11.86
N PRO A 62 -4.08 -6.77 12.89
CA PRO A 62 -4.86 -6.66 14.14
C PRO A 62 -6.09 -5.74 14.02
N HIS A 63 -6.08 -4.81 13.07
CA HIS A 63 -7.22 -3.90 12.90
C HIS A 63 -8.35 -4.51 12.10
N LEU A 64 -8.14 -5.66 11.48
CA LEU A 64 -9.19 -6.23 10.62
C LEU A 64 -10.11 -7.13 11.43
N ALA A 65 -11.33 -6.63 11.65
CA ALA A 65 -12.32 -7.37 12.40
C ALA A 65 -12.93 -8.48 11.57
N GLY A 66 -12.92 -8.29 10.26
CA GLY A 66 -13.59 -9.21 9.36
C GLY A 66 -13.82 -8.54 8.03
N PHE A 67 -14.46 -9.28 7.12
CA PHE A 67 -14.82 -8.76 5.83
C PHE A 67 -15.96 -9.52 5.18
N VAL A 68 -16.66 -8.82 4.30
N VAL A 68 -16.68 -8.79 4.34
CA VAL A 68 -17.62 -9.44 3.40
CA VAL A 68 -17.61 -9.32 3.38
C VAL A 68 -17.20 -9.11 1.97
C VAL A 68 -16.91 -9.16 2.04
N ALA A 69 -16.99 -10.16 1.18
CA ALA A 69 -16.45 -10.09 -0.16
C ALA A 69 -17.51 -10.70 -1.05
N THR A 70 -18.15 -9.86 -1.88
CA THR A 70 -19.43 -10.23 -2.46
C THR A 70 -19.72 -9.54 -3.77
N THR A 71 -20.69 -10.09 -4.51
CA THR A 71 -21.29 -9.39 -5.63
C THR A 71 -22.67 -8.86 -5.29
N ASP A 72 -23.09 -9.09 -4.05
CA ASP A 72 -24.45 -8.72 -3.62
C ASP A 72 -24.52 -7.31 -3.03
N PRO A 73 -25.37 -6.46 -3.61
CA PRO A 73 -25.42 -5.10 -3.07
C PRO A 73 -25.85 -5.00 -1.62
N LYS A 74 -26.86 -5.74 -1.18
CA LYS A 74 -27.32 -5.57 0.19
C LYS A 74 -26.19 -5.90 1.16
N ALA A 75 -25.52 -7.02 0.93
CA ALA A 75 -24.43 -7.40 1.82
C ALA A 75 -23.31 -6.36 1.80
N ALA A 76 -23.06 -5.78 0.64
CA ALA A 76 -22.01 -4.78 0.51
C ALA A 76 -22.32 -3.47 1.22
N PHE A 77 -23.57 -3.03 1.16
CA PHE A 77 -23.94 -1.71 1.68
C PHE A 77 -24.50 -1.72 3.11
N LYS A 78 -24.80 -2.90 3.65
CA LYS A 78 -25.53 -2.98 4.91
C LYS A 78 -24.75 -2.41 6.11
N ASP A 79 -25.33 -1.38 6.73
CA ASP A 79 -24.82 -0.77 7.95
C ASP A 79 -23.40 -0.24 7.82
N ILE A 80 -23.05 0.23 6.63
CA ILE A 80 -21.72 0.80 6.46
C ILE A 80 -21.60 2.20 7.06
N ASP A 81 -20.39 2.51 7.51
CA ASP A 81 -20.00 3.81 8.06
C ASP A 81 -19.37 4.74 7.04
N CYS A 82 -18.71 4.18 6.04
CA CYS A 82 -18.17 4.98 4.94
C CYS A 82 -18.01 4.14 3.70
N ALA A 83 -17.82 4.81 2.57
CA ALA A 83 -17.76 4.15 1.28
C ALA A 83 -16.76 4.85 0.40
N PHE A 84 -15.94 4.05 -0.27
CA PHE A 84 -15.07 4.49 -1.35
C PHE A 84 -15.68 3.95 -2.64
N LEU A 85 -16.36 4.83 -3.37
CA LEU A 85 -17.02 4.44 -4.62
C LEU A 85 -16.02 4.59 -5.78
N VAL A 86 -15.23 3.53 -5.96
CA VAL A 86 -14.15 3.48 -6.92
C VAL A 86 -14.65 3.04 -8.29
N ALA A 87 -15.54 2.04 -8.30
CA ALA A 87 -16.01 1.48 -9.56
C ALA A 87 -16.84 2.47 -10.35
N SER A 88 -16.74 2.34 -11.67
CA SER A 88 -17.58 3.11 -12.57
C SER A 88 -17.55 2.40 -13.92
N MET A 89 -18.40 2.83 -14.84
N MET A 89 -18.43 2.81 -14.84
CA MET A 89 -18.45 2.29 -16.18
CA MET A 89 -18.44 2.30 -16.19
C MET A 89 -17.44 3.02 -17.08
C MET A 89 -17.39 3.03 -17.01
N PRO A 90 -16.47 2.28 -17.65
CA PRO A 90 -15.48 2.93 -18.50
C PRO A 90 -16.07 3.40 -19.82
N LEU A 91 -15.37 4.33 -20.46
CA LEU A 91 -15.71 4.75 -21.80
C LEU A 91 -15.45 3.58 -22.75
N LYS A 92 -16.43 3.27 -23.57
CA LYS A 92 -16.31 2.22 -24.57
C LYS A 92 -15.92 2.84 -25.92
N PRO A 93 -15.21 2.08 -26.78
CA PRO A 93 -14.74 2.65 -28.05
C PRO A 93 -15.84 3.39 -28.80
N GLY A 94 -15.52 4.60 -29.27
CA GLY A 94 -16.45 5.36 -30.10
C GLY A 94 -17.46 6.17 -29.31
N GLN A 95 -17.41 6.08 -27.98
CA GLN A 95 -18.30 6.86 -27.13
C GLN A 95 -17.69 8.22 -26.82
N VAL A 96 -18.55 9.19 -26.53
CA VAL A 96 -18.12 10.52 -26.13
C VAL A 96 -18.52 10.77 -24.69
N ARG A 97 -18.13 11.92 -24.14
CA ARG A 97 -18.34 12.17 -22.73
C ARG A 97 -19.81 12.08 -22.34
N ALA A 98 -20.70 12.50 -23.24
CA ALA A 98 -22.12 12.45 -22.93
C ALA A 98 -22.55 11.01 -22.64
N ASP A 99 -21.95 10.07 -23.36
CA ASP A 99 -22.24 8.65 -23.14
C ASP A 99 -21.70 8.16 -21.80
N LEU A 100 -20.51 8.62 -21.45
CA LEU A 100 -19.88 8.26 -20.18
C LEU A 100 -20.72 8.74 -19.02
N ILE A 101 -21.21 9.97 -19.12
CA ILE A 101 -22.08 10.54 -18.10
C ILE A 101 -23.36 9.70 -18.03
N SER A 102 -23.94 9.42 -19.19
CA SER A 102 -25.21 8.71 -19.24
C SER A 102 -25.11 7.29 -18.67
N SER A 103 -24.11 6.53 -19.09
CA SER A 103 -24.00 5.15 -18.65
C SER A 103 -23.78 5.08 -17.14
N ASN A 104 -22.99 6.02 -16.64
CA ASN A 104 -22.72 6.05 -15.22
C ASN A 104 -23.89 6.57 -14.41
N SER A 105 -24.77 7.36 -15.01
CA SER A 105 -25.88 7.91 -14.25
C SER A 105 -26.78 6.80 -13.71
N VAL A 106 -26.92 5.73 -14.47
CA VAL A 106 -27.76 4.61 -14.04
C VAL A 106 -27.15 3.91 -12.84
N ILE A 107 -25.86 3.61 -12.95
N ILE A 107 -25.86 3.60 -12.89
CA ILE A 107 -25.10 2.96 -11.91
CA ILE A 107 -25.27 2.86 -11.78
C ILE A 107 -25.21 3.75 -10.60
C ILE A 107 -25.14 3.74 -10.53
N PHE A 108 -24.98 5.05 -10.69
CA PHE A 108 -24.93 5.89 -9.51
C PHE A 108 -26.32 6.22 -8.93
N LYS A 109 -27.37 6.21 -9.76
CA LYS A 109 -28.73 6.23 -9.25
C LYS A 109 -28.95 4.99 -8.39
N ASN A 110 -28.57 3.84 -8.92
CA ASN A 110 -28.78 2.59 -8.20
C ASN A 110 -27.97 2.59 -6.90
N THR A 111 -26.75 3.12 -6.96
CA THR A 111 -25.89 3.17 -5.80
C THR A 111 -26.45 4.09 -4.72
N GLY A 112 -26.98 5.23 -5.15
CA GLY A 112 -27.65 6.12 -4.21
C GLY A 112 -28.78 5.41 -3.51
N GLU A 113 -29.54 4.61 -4.27
CA GLU A 113 -30.66 3.87 -3.73
C GLU A 113 -30.18 2.83 -2.71
N TYR A 114 -29.10 2.12 -3.02
CA TYR A 114 -28.55 1.12 -2.11
C TYR A 114 -28.07 1.77 -0.82
N LEU A 115 -27.41 2.92 -0.95
CA LEU A 115 -26.93 3.66 0.23
C LEU A 115 -28.06 4.03 1.15
N SER A 116 -29.08 4.68 0.58
CA SER A 116 -30.21 5.10 1.38
C SER A 116 -30.90 3.94 2.08
N LYS A 117 -31.04 2.84 1.35
CA LYS A 117 -31.81 1.70 1.86
C LYS A 117 -31.06 0.98 2.98
N TRP A 118 -29.74 0.90 2.88
CA TRP A 118 -28.98 -0.07 3.69
C TRP A 118 -27.85 0.50 4.52
N ALA A 119 -27.25 1.59 4.09
CA ALA A 119 -26.14 2.18 4.83
C ALA A 119 -26.65 2.89 6.10
N LYS A 120 -25.75 3.12 7.04
CA LYS A 120 -26.10 3.95 8.20
CA LYS A 120 -26.10 3.95 8.20
C LYS A 120 -26.43 5.37 7.72
N PRO A 121 -27.36 6.06 8.40
CA PRO A 121 -27.68 7.42 7.99
C PRO A 121 -26.50 8.38 8.10
N SER A 122 -25.47 7.99 8.85
CA SER A 122 -24.26 8.78 9.01
C SER A 122 -23.15 8.45 8.01
N VAL A 123 -23.45 7.58 7.03
CA VAL A 123 -22.43 7.11 6.10
C VAL A 123 -21.73 8.29 5.39
N LYS A 124 -20.41 8.19 5.29
CA LYS A 124 -19.62 9.16 4.56
C LYS A 124 -19.19 8.53 3.25
N VAL A 125 -19.73 9.08 2.16
CA VAL A 125 -19.56 8.51 0.84
C VAL A 125 -18.59 9.36 0.02
N LEU A 126 -17.47 8.76 -0.35
CA LEU A 126 -16.46 9.41 -1.15
C LEU A 126 -16.49 8.83 -2.57
N VAL A 127 -16.84 9.69 -3.53
CA VAL A 127 -16.99 9.26 -4.90
C VAL A 127 -15.70 9.48 -5.66
N ILE A 128 -15.18 8.39 -6.24
CA ILE A 128 -13.88 8.39 -6.92
C ILE A 128 -14.01 8.07 -8.42
N GLY A 129 -14.84 7.09 -8.76
CA GLY A 129 -15.04 6.72 -10.15
C GLY A 129 -15.53 7.86 -11.01
N ASN A 130 -14.99 7.91 -12.22
CA ASN A 130 -15.26 9.00 -13.18
C ASN A 130 -16.62 8.80 -13.87
N PRO A 131 -17.33 9.91 -14.19
CA PRO A 131 -17.06 11.31 -13.86
C PRO A 131 -17.49 11.60 -12.42
N ASP A 132 -16.54 11.86 -11.53
CA ASP A 132 -16.84 11.81 -10.11
C ASP A 132 -17.82 12.88 -9.59
N ASN A 133 -17.65 14.12 -10.00
CA ASN A 133 -18.55 15.17 -9.51
C ASN A 133 -19.98 14.83 -9.87
N THR A 134 -20.20 14.46 -11.12
CA THR A 134 -21.55 14.17 -11.58
C THR A 134 -22.09 12.88 -11.01
N ASN A 135 -21.25 11.85 -10.93
CA ASN A 135 -21.66 10.61 -10.28
C ASN A 135 -22.11 10.86 -8.85
N CYS A 136 -21.38 11.72 -8.16
CA CYS A 136 -21.72 12.08 -6.79
C CYS A 136 -23.07 12.79 -6.69
N GLU A 137 -23.29 13.80 -7.54
CA GLU A 137 -24.57 14.50 -7.58
C GLU A 137 -25.73 13.54 -7.78
N ILE A 138 -25.57 12.62 -8.74
CA ILE A 138 -26.62 11.68 -9.08
C ILE A 138 -26.88 10.70 -7.94
N ALA A 139 -25.84 10.15 -7.34
CA ALA A 139 -26.04 9.29 -6.19
C ALA A 139 -26.79 10.02 -5.07
N MET A 140 -26.36 11.24 -4.75
CA MET A 140 -26.99 12.02 -3.70
C MET A 140 -28.47 12.27 -4.01
N LEU A 141 -28.78 12.67 -5.25
CA LEU A 141 -30.16 12.96 -5.63
C LEU A 141 -31.06 11.74 -5.52
N HIS A 142 -30.47 10.54 -5.56
CA HIS A 142 -31.26 9.31 -5.51
C HIS A 142 -31.09 8.54 -4.20
N ALA A 143 -30.59 9.23 -3.18
CA ALA A 143 -30.43 8.67 -1.85
C ALA A 143 -31.43 9.38 -0.90
N LYS A 144 -32.68 8.90 -0.92
CA LYS A 144 -33.79 9.60 -0.28
C LYS A 144 -33.58 9.89 1.21
N ASN A 145 -33.00 8.95 1.92
CA ASN A 145 -32.88 9.10 3.37
C ASN A 145 -31.50 9.59 3.82
N LEU A 146 -30.71 10.05 2.85
CA LEU A 146 -29.42 10.69 3.15
C LEU A 146 -29.51 12.17 2.84
N LYS A 147 -28.41 12.89 3.14
CA LYS A 147 -28.36 14.34 2.99
C LYS A 147 -27.08 14.75 2.27
N PRO A 148 -26.97 16.03 1.87
CA PRO A 148 -25.74 16.45 1.18
C PRO A 148 -24.46 16.21 2.00
N GLU A 149 -24.54 16.30 3.32
CA GLU A 149 -23.39 16.09 4.18
C GLU A 149 -22.80 14.69 4.06
N ASN A 150 -23.58 13.76 3.54
CA ASN A 150 -23.11 12.37 3.39
C ASN A 150 -22.23 12.13 2.16
N PHE A 151 -22.06 13.14 1.32
CA PHE A 151 -21.44 12.97 0.00
C PHE A 151 -20.28 13.93 -0.29
N SER A 152 -19.23 13.41 -0.89
CA SER A 152 -18.16 14.23 -1.45
C SER A 152 -17.45 13.47 -2.56
N SER A 153 -16.65 14.18 -3.32
CA SER A 153 -15.88 13.60 -4.42
C SER A 153 -14.40 13.95 -4.29
N LEU A 154 -13.55 13.12 -4.90
CA LEU A 154 -12.12 13.21 -4.68
C LEU A 154 -11.40 14.12 -5.66
N SER A 155 -10.89 15.27 -5.17
CA SER A 155 -10.04 16.14 -5.97
C SER A 155 -8.60 16.23 -5.42
N MET A 156 -8.30 15.51 -4.33
CA MET A 156 -6.96 15.61 -3.74
C MET A 156 -5.81 15.05 -4.57
N LEU A 157 -6.08 14.12 -5.48
CA LEU A 157 -5.01 13.61 -6.32
C LEU A 157 -4.49 14.77 -7.17
N ASP A 158 -5.39 15.56 -7.72
CA ASP A 158 -5.00 16.70 -8.54
C ASP A 158 -4.27 17.76 -7.71
N GLN A 159 -4.71 17.98 -6.47
CA GLN A 159 -4.05 18.92 -5.58
C GLN A 159 -2.62 18.46 -5.32
N ASN A 160 -2.44 17.19 -4.97
CA ASN A 160 -1.12 16.67 -4.68
C ASN A 160 -0.20 16.76 -5.88
N ARG A 161 -0.73 16.42 -7.07
CA ARG A 161 0.02 16.57 -8.31
C ARG A 161 0.50 18.02 -8.49
N ALA A 162 -0.39 18.97 -8.24
CA ALA A 162 -0.05 20.37 -8.43
C ALA A 162 1.04 20.83 -7.46
N TYR A 163 0.96 20.40 -6.21
CA TYR A 163 1.95 20.78 -5.22
C TYR A 163 3.33 20.27 -5.59
N TYR A 164 3.42 19.01 -6.00
N TYR A 164 3.44 19.02 -6.03
CA TYR A 164 4.70 18.46 -6.44
CA TYR A 164 4.76 18.52 -6.39
C TYR A 164 5.27 19.29 -7.59
C TYR A 164 5.31 19.24 -7.63
N GLU A 165 4.45 19.49 -8.62
CA GLU A 165 4.89 20.19 -9.82
C GLU A 165 5.43 21.58 -9.50
N VAL A 166 4.67 22.34 -8.72
CA VAL A 166 5.05 23.71 -8.39
C VAL A 166 6.30 23.73 -7.51
N ALA A 167 6.34 22.86 -6.51
CA ALA A 167 7.51 22.78 -5.63
C ALA A 167 8.75 22.43 -6.44
N SER A 168 8.64 21.48 -7.36
CA SER A 168 9.80 21.11 -8.19
C SER A 168 10.22 22.26 -9.10
N LYS A 169 9.25 22.99 -9.65
CA LYS A 169 9.54 24.10 -10.54
C LYS A 169 10.31 25.20 -9.80
N LEU A 170 9.93 25.40 -8.54
CA LEU A 170 10.54 26.44 -7.68
C LEU A 170 11.83 25.98 -6.99
N GLY A 171 12.08 24.69 -6.98
CA GLY A 171 13.23 24.12 -6.33
C GLY A 171 13.14 24.20 -4.82
N VAL A 172 11.93 24.03 -4.28
CA VAL A 172 11.72 24.03 -2.84
C VAL A 172 11.00 22.74 -2.45
N ASP A 173 10.86 22.53 -1.14
CA ASP A 173 10.13 21.36 -0.64
C ASP A 173 8.64 21.60 -0.75
N VAL A 174 7.86 20.53 -0.85
CA VAL A 174 6.40 20.63 -0.90
C VAL A 174 5.85 21.35 0.33
N LYS A 175 6.45 21.12 1.49
CA LYS A 175 6.01 21.76 2.75
C LYS A 175 6.16 23.28 2.70
N ASP A 176 6.97 23.77 1.77
CA ASP A 176 7.24 25.21 1.68
C ASP A 176 6.43 25.91 0.61
N VAL A 177 5.46 25.20 0.04
CA VAL A 177 4.47 25.77 -0.86
C VAL A 177 3.12 25.74 -0.15
N HIS A 178 2.29 26.77 -0.36
CA HIS A 178 1.04 26.91 0.37
C HIS A 178 -0.10 27.41 -0.49
N ASP A 179 -1.31 26.92 -0.20
CA ASP A 179 -2.57 27.42 -0.74
C ASP A 179 -2.72 27.25 -2.26
N ILE A 180 -2.25 26.11 -2.78
CA ILE A 180 -2.68 25.67 -4.11
C ILE A 180 -4.05 25.01 -3.99
N ILE A 181 -4.94 25.33 -4.91
CA ILE A 181 -6.32 24.85 -4.83
C ILE A 181 -6.77 24.33 -6.17
N VAL A 182 -7.56 23.26 -6.12
N VAL A 182 -7.51 23.22 -6.16
CA VAL A 182 -8.21 22.71 -7.31
CA VAL A 182 -8.18 22.75 -7.37
C VAL A 182 -9.70 22.96 -7.17
C VAL A 182 -9.68 22.95 -7.19
N TRP A 183 -10.26 23.75 -8.09
CA TRP A 183 -11.68 24.08 -8.03
C TRP A 183 -12.52 23.44 -9.14
N GLY A 184 -13.79 23.22 -8.85
CA GLY A 184 -14.75 22.88 -9.89
C GLY A 184 -14.86 21.41 -10.22
N ASN A 185 -14.93 21.15 -11.52
CA ASN A 185 -15.11 19.81 -12.06
C ASN A 185 -13.76 19.16 -12.31
N HIS A 186 -13.77 17.85 -12.53
CA HIS A 186 -12.66 17.23 -13.26
C HIS A 186 -12.81 17.45 -14.74
N GLY A 187 -11.84 16.95 -15.50
CA GLY A 187 -11.88 17.10 -16.93
C GLY A 187 -11.32 18.43 -17.37
N GLU A 188 -11.67 18.79 -18.59
CA GLU A 188 -11.15 19.96 -19.26
C GLU A 188 -11.31 21.22 -18.43
N SER A 189 -12.40 21.33 -17.66
CA SER A 189 -12.71 22.60 -17.02
C SER A 189 -12.14 22.76 -15.62
N MET A 190 -11.44 21.75 -15.11
N MET A 190 -11.44 21.74 -15.13
CA MET A 190 -10.84 21.80 -13.80
CA MET A 190 -10.86 21.81 -13.80
C MET A 190 -9.96 23.02 -13.66
C MET A 190 -9.98 23.05 -13.67
N VAL A 191 -10.06 23.71 -12.52
CA VAL A 191 -9.26 24.90 -12.28
C VAL A 191 -8.13 24.60 -11.33
N ALA A 192 -6.91 24.51 -11.87
CA ALA A 192 -5.74 24.37 -11.03
C ALA A 192 -5.23 25.78 -10.73
N ASP A 193 -5.63 26.28 -9.57
CA ASP A 193 -5.46 27.68 -9.18
C ASP A 193 -4.18 27.92 -8.42
N LEU A 194 -3.30 28.73 -9.00
CA LEU A 194 -2.06 29.17 -8.35
C LEU A 194 -2.12 30.61 -7.88
N THR A 195 -3.26 31.28 -8.05
CA THR A 195 -3.33 32.72 -7.78
C THR A 195 -3.34 33.06 -6.30
N GLN A 196 -3.56 32.07 -5.43
CA GLN A 196 -3.48 32.29 -3.98
C GLN A 196 -2.13 31.87 -3.44
N ALA A 197 -1.40 31.10 -4.23
CA ALA A 197 -0.32 30.28 -3.71
C ALA A 197 0.93 31.10 -3.34
N THR A 198 1.56 30.72 -2.23
CA THR A 198 2.82 31.32 -1.80
C THR A 198 3.86 30.23 -1.61
N PHE A 199 5.13 30.64 -1.56
CA PHE A 199 6.19 29.71 -1.21
C PHE A 199 7.26 30.44 -0.43
N THR A 200 8.00 29.72 0.39
N THR A 200 8.04 29.70 0.34
CA THR A 200 9.08 30.29 1.17
CA THR A 200 9.07 30.26 1.20
C THR A 200 10.43 29.81 0.66
C THR A 200 10.47 29.76 0.84
N LYS A 201 11.41 30.69 0.78
CA LYS A 201 12.79 30.40 0.39
C LYS A 201 13.67 31.54 0.89
N GLU A 202 14.79 31.19 1.53
CA GLU A 202 15.78 32.16 2.02
C GLU A 202 15.11 33.28 2.82
N GLY A 203 14.16 32.89 3.66
CA GLY A 203 13.53 33.80 4.59
C GLY A 203 12.50 34.72 3.95
N LYS A 204 12.15 34.49 2.67
CA LYS A 204 11.13 35.30 2.01
C LYS A 204 9.94 34.46 1.62
N THR A 205 8.75 35.02 1.81
CA THR A 205 7.51 34.41 1.34
C THR A 205 7.02 35.25 0.19
N GLN A 206 6.78 34.61 -0.94
CA GLN A 206 6.32 35.31 -2.12
C GLN A 206 5.19 34.55 -2.76
N LYS A 207 4.40 35.26 -3.56
CA LYS A 207 3.39 34.64 -4.39
C LYS A 207 4.03 33.91 -5.56
N VAL A 208 3.56 32.69 -5.80
CA VAL A 208 4.05 31.90 -6.92
C VAL A 208 3.90 32.66 -8.25
N VAL A 209 2.78 33.32 -8.44
CA VAL A 209 2.51 34.01 -9.71
C VAL A 209 3.42 35.22 -9.92
N ASP A 210 4.04 35.71 -8.85
CA ASP A 210 4.93 36.85 -8.96
C ASP A 210 6.36 36.43 -9.31
N VAL A 211 6.64 35.13 -9.24
CA VAL A 211 7.99 34.62 -9.43
C VAL A 211 8.11 33.77 -10.70
N LEU A 212 7.11 32.93 -10.96
CA LEU A 212 7.11 32.11 -12.15
C LEU A 212 6.58 32.85 -13.38
N ASP A 213 7.08 32.46 -14.54
CA ASP A 213 6.70 33.06 -15.82
C ASP A 213 5.20 32.92 -16.08
N HIS A 214 4.61 33.93 -16.71
CA HIS A 214 3.20 33.87 -17.07
C HIS A 214 2.91 32.67 -17.96
N ASP A 215 3.81 32.41 -18.90
CA ASP A 215 3.63 31.29 -19.84
C ASP A 215 3.62 29.96 -19.11
N TYR A 216 4.39 29.86 -18.04
CA TYR A 216 4.34 28.64 -17.24
C TYR A 216 3.03 28.55 -16.47
N VAL A 217 2.69 29.60 -15.73
CA VAL A 217 1.54 29.52 -14.83
C VAL A 217 0.23 29.29 -15.57
N PHE A 218 0.03 30.04 -16.65
CA PHE A 218 -1.27 30.06 -17.32
C PHE A 218 -1.28 29.32 -18.65
N ASP A 219 -0.30 28.44 -18.86
CA ASP A 219 -0.33 27.54 -20.01
C ASP A 219 0.38 26.20 -19.74
N THR A 220 1.68 26.24 -19.55
CA THR A 220 2.48 25.01 -19.43
C THR A 220 2.08 24.19 -18.21
N PHE A 221 1.84 24.87 -17.09
CA PHE A 221 1.47 24.20 -15.85
C PHE A 221 0.19 23.37 -16.00
N PHE A 222 -0.88 23.95 -16.56
CA PHE A 222 -2.14 23.21 -16.62
C PHE A 222 -2.05 22.04 -17.60
N LYS A 223 -1.21 22.18 -18.61
CA LYS A 223 -1.01 21.11 -19.57
C LYS A 223 -0.33 19.93 -18.88
N LYS A 224 0.66 20.24 -18.04
CA LYS A 224 1.36 19.21 -17.28
C LYS A 224 0.37 18.46 -16.39
N ILE A 225 -0.42 19.21 -15.62
CA ILE A 225 -1.43 18.61 -14.75
C ILE A 225 -2.46 17.86 -15.59
N GLY A 226 -2.78 18.40 -16.76
CA GLY A 226 -3.81 17.83 -17.60
C GLY A 226 -3.41 16.55 -18.31
N HIS A 227 -2.12 16.33 -18.50
CA HIS A 227 -1.63 15.15 -19.23
C HIS A 227 -0.87 14.16 -18.34
N ARG A 228 -0.87 14.42 -17.03
CA ARG A 228 -0.10 13.62 -16.09
C ARG A 228 -0.54 12.15 -16.03
N ALA A 229 -1.85 11.92 -15.98
CA ALA A 229 -2.40 10.58 -15.88
C ALA A 229 -2.05 9.78 -17.14
N TRP A 230 -2.19 10.41 -18.29
CA TRP A 230 -1.85 9.82 -19.57
C TRP A 230 -0.38 9.41 -19.60
N ASP A 231 0.48 10.29 -19.14
CA ASP A 231 1.92 10.05 -19.14
C ASP A 231 2.25 8.81 -18.28
N ILE A 232 1.60 8.71 -17.14
CA ILE A 232 1.78 7.55 -16.27
C ILE A 232 1.28 6.27 -16.93
N LEU A 233 0.10 6.33 -17.56
CA LEU A 233 -0.45 5.18 -18.27
C LEU A 233 0.50 4.68 -19.36
N GLU A 234 1.10 5.64 -20.08
CA GLU A 234 2.08 5.34 -21.12
C GLU A 234 3.30 4.60 -20.58
N HIS A 235 3.77 4.99 -19.40
CA HIS A 235 4.97 4.40 -18.81
C HIS A 235 4.67 3.10 -18.06
N ARG A 236 3.53 3.08 -17.36
CA ARG A 236 3.17 1.99 -16.44
C ARG A 236 2.53 0.80 -17.13
N GLY A 237 1.78 1.06 -18.20
CA GLY A 237 0.99 0.04 -18.85
C GLY A 237 -0.43 -0.01 -18.29
N PHE A 238 -0.63 0.69 -17.18
CA PHE A 238 -1.93 0.74 -16.50
C PHE A 238 -2.09 2.12 -15.88
N THR A 239 -3.35 2.48 -15.58
CA THR A 239 -3.63 3.76 -14.93
C THR A 239 -3.10 3.80 -13.49
N SER A 240 -2.98 5.00 -12.96
CA SER A 240 -2.51 5.19 -11.60
CA SER A 240 -2.57 5.24 -11.58
C SER A 240 -3.37 4.41 -10.59
N ALA A 241 -2.73 4.00 -9.50
CA ALA A 241 -3.43 3.25 -8.45
C ALA A 241 -2.98 3.68 -7.05
N ALA A 242 -1.68 3.61 -6.78
CA ALA A 242 -1.17 4.00 -5.48
C ALA A 242 -1.44 5.47 -5.15
N SER A 243 -1.28 6.36 -6.13
CA SER A 243 -1.47 7.78 -5.89
C SER A 243 -2.94 8.20 -5.68
N PRO A 244 -3.89 7.66 -6.48
CA PRO A 244 -5.27 7.97 -6.08
C PRO A 244 -5.67 7.31 -4.75
N THR A 245 -5.11 6.14 -4.43
CA THR A 245 -5.40 5.53 -3.15
C THR A 245 -4.90 6.43 -2.00
N LYS A 246 -3.67 6.93 -2.11
CA LYS A 246 -3.12 7.81 -1.09
C LYS A 246 -4.05 9.03 -0.87
N ALA A 247 -4.49 9.64 -1.97
CA ALA A 247 -5.38 10.78 -1.89
C ALA A 247 -6.73 10.41 -1.27
N ALA A 248 -7.28 9.25 -1.63
CA ALA A 248 -8.57 8.82 -1.11
C ALA A 248 -8.53 8.63 0.40
N ILE A 249 -7.49 7.98 0.89
CA ILE A 249 -7.37 7.76 2.33
C ILE A 249 -7.16 9.11 3.03
N GLN A 250 -6.38 9.98 2.40
CA GLN A 250 -6.12 11.30 2.95
C GLN A 250 -7.41 12.11 3.09
N HIS A 251 -8.23 12.10 2.05
CA HIS A 251 -9.52 12.78 2.08
C HIS A 251 -10.42 12.18 3.17
N MET A 252 -10.58 10.86 3.19
CA MET A 252 -11.49 10.25 4.13
C MET A 252 -11.03 10.43 5.57
N LYS A 253 -9.72 10.32 5.80
CA LYS A 253 -9.19 10.48 7.14
C LYS A 253 -9.46 11.90 7.64
N ALA A 254 -9.24 12.90 6.77
CA ALA A 254 -9.58 14.28 7.12
C ALA A 254 -11.10 14.40 7.44
N TRP A 255 -11.92 13.77 6.63
CA TRP A 255 -13.37 13.83 6.79
C TRP A 255 -13.81 13.19 8.13
N LEU A 256 -13.11 12.16 8.56
CA LEU A 256 -13.44 11.47 9.80
C LEU A 256 -13.06 12.22 11.08
N PHE A 257 -11.87 12.81 11.10
CA PHE A 257 -11.32 13.35 12.35
C PHE A 257 -11.02 14.83 12.32
N GLY A 258 -11.11 15.45 11.15
CA GLY A 258 -10.79 16.86 11.01
C GLY A 258 -9.41 17.11 10.42
N THR A 259 -9.24 18.30 9.86
CA THR A 259 -7.96 18.69 9.30
C THR A 259 -7.08 19.40 10.31
N ALA A 260 -5.79 19.51 9.97
CA ALA A 260 -4.79 20.11 10.85
C ALA A 260 -4.80 21.62 10.75
N PRO A 261 -4.29 22.31 11.78
CA PRO A 261 -4.29 23.77 11.69
C PRO A 261 -3.62 24.26 10.41
N GLY A 262 -4.31 25.14 9.67
CA GLY A 262 -3.75 25.72 8.46
C GLY A 262 -3.91 24.88 7.19
N GLU A 263 -4.36 23.65 7.34
CA GLU A 263 -4.45 22.74 6.19
C GLU A 263 -5.65 23.07 5.33
N VAL A 264 -5.43 23.12 4.02
CA VAL A 264 -6.48 23.37 3.03
C VAL A 264 -6.47 22.20 2.05
N LEU A 265 -7.55 21.43 2.05
CA LEU A 265 -7.71 20.29 1.15
C LEU A 265 -8.83 20.56 0.15
N SER A 266 -8.50 20.47 -1.12
CA SER A 266 -9.53 20.55 -2.17
C SER A 266 -10.42 19.33 -2.02
N MET A 267 -11.73 19.54 -2.00
CA MET A 267 -12.71 18.47 -1.89
C MET A 267 -13.91 18.83 -2.73
N GLY A 268 -14.44 17.87 -3.48
CA GLY A 268 -15.69 18.07 -4.20
C GLY A 268 -16.84 17.90 -3.22
N ILE A 269 -17.66 18.94 -3.07
CA ILE A 269 -18.81 18.86 -2.20
C ILE A 269 -20.07 19.40 -2.84
N PRO A 270 -21.23 18.93 -2.39
CA PRO A 270 -22.46 19.64 -2.77
C PRO A 270 -22.33 21.12 -2.46
N VAL A 271 -22.59 21.98 -3.44
CA VAL A 271 -22.32 23.39 -3.27
C VAL A 271 -23.14 23.96 -2.10
N PRO A 272 -22.46 24.56 -1.12
CA PRO A 272 -23.22 25.17 -0.01
C PRO A 272 -23.90 26.47 -0.42
N GLU A 273 -25.15 26.65 -0.04
CA GLU A 273 -25.82 27.92 -0.27
C GLU A 273 -25.01 28.95 0.51
N GLY A 274 -24.79 30.11 -0.08
CA GLY A 274 -24.04 31.15 0.61
C GLY A 274 -22.53 30.91 0.74
N ASN A 275 -21.99 29.99 -0.04
CA ASN A 275 -20.53 29.91 -0.14
C ASN A 275 -20.00 31.27 -0.59
N PRO A 276 -18.75 31.59 -0.23
CA PRO A 276 -18.31 32.96 -0.51
C PRO A 276 -17.74 33.16 -1.91
N TYR A 277 -17.81 32.16 -2.79
CA TYR A 277 -17.09 32.24 -4.07
C TYR A 277 -18.02 32.33 -5.28
N GLY A 278 -19.30 32.57 -5.04
CA GLY A 278 -20.23 32.88 -6.11
C GLY A 278 -20.63 31.66 -6.94
N ILE A 279 -20.62 30.49 -6.32
CA ILE A 279 -21.02 29.27 -7.02
C ILE A 279 -22.49 28.92 -6.72
N LYS A 280 -23.21 28.53 -7.74
CA LYS A 280 -24.64 28.24 -7.59
C LYS A 280 -24.86 26.87 -6.96
N PRO A 281 -25.78 26.75 -5.99
CA PRO A 281 -26.16 25.42 -5.47
C PRO A 281 -26.72 24.51 -6.55
N GLY A 282 -26.50 23.21 -6.43
CA GLY A 282 -27.14 22.25 -7.30
C GLY A 282 -26.21 21.26 -7.98
N VAL A 283 -24.91 21.45 -7.78
CA VAL A 283 -23.92 20.52 -8.29
C VAL A 283 -22.93 20.18 -7.18
N VAL A 284 -22.01 19.27 -7.48
CA VAL A 284 -20.89 18.93 -6.60
C VAL A 284 -19.66 19.57 -7.23
N PHE A 285 -18.93 20.36 -6.43
CA PHE A 285 -17.96 21.31 -6.94
C PHE A 285 -16.77 21.27 -6.00
N SER A 286 -15.56 21.16 -6.55
CA SER A 286 -14.37 21.17 -5.72
C SER A 286 -14.05 22.59 -5.19
N PHE A 287 -13.93 22.67 -3.88
CA PHE A 287 -13.63 23.91 -3.14
C PHE A 287 -12.42 23.68 -2.26
N PRO A 288 -11.71 24.78 -1.87
CA PRO A 288 -10.75 24.68 -0.78
C PRO A 288 -11.51 24.41 0.52
N CYS A 289 -11.20 23.32 1.22
CA CYS A 289 -11.95 22.96 2.43
C CYS A 289 -11.08 22.70 3.64
N ASN A 290 -11.71 22.79 4.80
CA ASN A 290 -11.18 22.21 6.01
C ASN A 290 -12.28 21.35 6.61
N VAL A 291 -11.94 20.58 7.64
CA VAL A 291 -12.94 19.75 8.29
C VAL A 291 -12.77 19.95 9.77
N ASP A 292 -13.88 20.14 10.48
CA ASP A 292 -13.82 20.40 11.90
C ASP A 292 -13.73 19.09 12.68
N LYS A 293 -13.64 19.18 13.99
CA LYS A 293 -13.40 17.98 14.80
C LYS A 293 -14.62 17.07 14.86
N GLU A 294 -15.77 17.59 14.44
CA GLU A 294 -16.99 16.79 14.39
C GLU A 294 -17.14 16.11 13.02
N GLY A 295 -16.17 16.28 12.14
CA GLY A 295 -16.18 15.62 10.85
C GLY A 295 -17.04 16.34 9.80
N LYS A 296 -17.31 17.62 10.01
CA LYS A 296 -18.10 18.41 9.07
C LYS A 296 -17.17 19.23 8.19
N ILE A 297 -17.41 19.18 6.88
CA ILE A 297 -16.61 19.88 5.89
C ILE A 297 -17.07 21.33 5.76
N HIS A 298 -16.10 22.24 5.69
CA HIS A 298 -16.39 23.65 5.51
C HIS A 298 -15.54 24.25 4.40
N VAL A 299 -16.15 25.12 3.59
CA VAL A 299 -15.39 25.85 2.61
C VAL A 299 -14.54 26.89 3.31
N VAL A 300 -13.26 26.93 2.97
CA VAL A 300 -12.35 27.90 3.57
C VAL A 300 -12.62 29.30 3.02
N GLU A 301 -12.77 30.27 3.91
CA GLU A 301 -13.04 31.65 3.52
C GLU A 301 -11.76 32.46 3.34
N GLY A 302 -11.85 33.58 2.63
CA GLY A 302 -10.74 34.51 2.59
C GLY A 302 -9.86 34.45 1.34
N PHE A 303 -10.11 33.50 0.46
CA PHE A 303 -9.37 33.45 -0.80
C PHE A 303 -9.91 34.52 -1.74
N LYS A 304 -9.09 34.94 -2.68
CA LYS A 304 -9.45 36.05 -3.55
C LYS A 304 -9.77 35.51 -4.94
N VAL A 305 -10.74 36.15 -5.59
CA VAL A 305 -11.13 35.78 -6.94
C VAL A 305 -10.82 36.92 -7.90
N ASN A 306 -9.69 36.82 -8.59
CA ASN A 306 -9.35 37.79 -9.61
C ASN A 306 -10.15 37.51 -10.89
N ASP A 307 -9.99 38.34 -11.91
CA ASP A 307 -10.79 38.17 -13.13
C ASP A 307 -10.53 36.82 -13.78
N TRP A 308 -9.29 36.37 -13.78
CA TRP A 308 -8.97 35.09 -14.40
C TRP A 308 -9.73 33.96 -13.68
N LEU A 309 -9.64 33.95 -12.36
CA LEU A 309 -10.25 32.88 -11.58
C LEU A 309 -11.76 32.95 -11.68
N ARG A 310 -12.32 34.16 -11.69
CA ARG A 310 -13.78 34.33 -11.84
C ARG A 310 -14.27 33.62 -13.11
N GLU A 311 -13.61 33.90 -14.22
CA GLU A 311 -13.98 33.29 -15.50
C GLU A 311 -13.81 31.76 -15.48
N LYS A 312 -12.73 31.27 -14.88
CA LYS A 312 -12.51 29.83 -14.80
C LYS A 312 -13.57 29.16 -13.97
N LEU A 313 -13.89 29.77 -12.83
CA LEU A 313 -14.92 29.25 -11.95
C LEU A 313 -16.27 29.24 -12.65
N ASP A 314 -16.60 30.32 -13.35
CA ASP A 314 -17.89 30.39 -14.05
C ASP A 314 -17.97 29.33 -15.13
N PHE A 315 -16.87 29.09 -15.82
CA PHE A 315 -16.86 28.10 -16.90
C PHE A 315 -17.05 26.66 -16.34
N THR A 316 -16.36 26.31 -15.26
CA THR A 316 -16.49 24.97 -14.73
C THR A 316 -17.85 24.76 -14.06
N GLU A 317 -18.38 25.81 -13.45
CA GLU A 317 -19.74 25.79 -12.93
C GLU A 317 -20.73 25.44 -14.05
N LYS A 318 -20.64 26.17 -15.15
CA LYS A 318 -21.54 25.95 -16.28
C LYS A 318 -21.39 24.50 -16.78
N ASP A 319 -20.14 24.03 -16.82
CA ASP A 319 -19.83 22.66 -17.26
C ASP A 319 -20.53 21.64 -16.35
N LEU A 320 -20.44 21.83 -15.04
CA LEU A 320 -21.10 20.90 -14.10
C LEU A 320 -22.62 20.88 -14.26
N PHE A 321 -23.24 22.03 -14.44
CA PHE A 321 -24.69 22.05 -14.61
C PHE A 321 -25.06 21.34 -15.91
N HIS A 322 -24.23 21.47 -16.93
CA HIS A 322 -24.48 20.78 -18.18
C HIS A 322 -24.36 19.26 -18.03
N GLU A 323 -23.34 18.79 -17.34
CA GLU A 323 -23.19 17.36 -17.13
C GLU A 323 -24.40 16.82 -16.38
N LYS A 324 -24.85 17.55 -15.37
CA LYS A 324 -26.00 17.16 -14.57
C LYS A 324 -27.24 17.04 -15.45
N GLU A 325 -27.45 18.01 -16.32
CA GLU A 325 -28.60 17.98 -17.24
C GLU A 325 -28.56 16.75 -18.15
N ILE A 326 -27.38 16.42 -18.67
CA ILE A 326 -27.23 15.22 -19.49
C ILE A 326 -27.62 13.96 -18.68
N ALA A 327 -27.12 13.86 -17.46
CA ALA A 327 -27.39 12.70 -16.63
C ALA A 327 -28.89 12.58 -16.32
N LEU A 328 -29.48 13.66 -15.86
CA LEU A 328 -30.89 13.63 -15.46
C LEU A 328 -31.81 13.39 -16.66
N ASN A 329 -31.47 13.95 -17.81
CA ASN A 329 -32.28 13.73 -19.01
CA ASN A 329 -32.28 13.73 -19.01
C ASN A 329 -32.20 12.27 -19.46
N HIS A 330 -31.03 11.68 -19.30
CA HIS A 330 -30.87 10.27 -19.66
C HIS A 330 -31.75 9.40 -18.76
N LEU A 331 -31.68 9.64 -17.46
CA LEU A 331 -32.49 8.90 -16.50
C LEU A 331 -33.99 9.10 -16.75
N ALA A 332 -34.38 10.33 -17.08
CA ALA A 332 -35.79 10.62 -17.32
C ALA A 332 -36.30 9.88 -18.57
N GLN A 333 -35.47 9.79 -19.59
CA GLN A 333 -35.82 9.08 -20.81
C GLN A 333 -36.04 7.60 -20.53
N LEU A 334 -35.29 7.05 -19.60
CA LEU A 334 -35.46 5.65 -19.21
C LEU A 334 -36.75 5.46 -18.45
N GLU A 335 -37.09 6.43 -17.60
CA GLU A 335 -38.33 6.36 -16.82
C GLU A 335 -39.54 6.35 -17.76
N SER B 2 17.02 15.73 11.85
CA SER B 2 17.64 14.48 11.41
C SER B 2 17.84 14.47 9.90
N GLU B 3 18.90 13.83 9.45
CA GLU B 3 19.10 13.59 8.02
C GLU B 3 18.19 12.45 7.62
N ALA B 4 17.73 12.47 6.38
CA ALA B 4 16.86 11.43 5.86
C ALA B 4 17.53 10.06 5.92
N ALA B 5 16.73 9.03 6.19
CA ALA B 5 17.19 7.65 6.11
C ALA B 5 17.17 7.22 4.66
N HIS B 6 18.26 6.60 4.23
CA HIS B 6 18.38 6.14 2.86
C HIS B 6 18.02 4.65 2.74
N VAL B 7 17.00 4.37 1.92
CA VAL B 7 16.38 3.05 1.86
C VAL B 7 16.45 2.54 0.44
N LEU B 8 17.12 1.40 0.27
CA LEU B 8 17.19 0.72 -1.04
C LEU B 8 16.08 -0.31 -1.21
N ILE B 9 15.42 -0.26 -2.36
CA ILE B 9 14.53 -1.35 -2.79
C ILE B 9 15.04 -1.84 -4.15
N THR B 10 15.44 -3.12 -4.22
CA THR B 10 15.79 -3.71 -5.52
C THR B 10 14.55 -4.28 -6.20
N GLY B 11 14.66 -4.56 -7.50
CA GLY B 11 13.48 -4.95 -8.26
C GLY B 11 12.36 -3.93 -8.12
N ALA B 12 12.73 -2.66 -8.00
CA ALA B 12 11.78 -1.64 -7.55
C ALA B 12 10.58 -1.42 -8.47
N ALA B 13 10.70 -1.80 -9.74
CA ALA B 13 9.58 -1.60 -10.67
C ALA B 13 8.48 -2.67 -10.55
N GLY B 14 8.73 -3.73 -9.79
CA GLY B 14 7.74 -4.78 -9.65
C GLY B 14 6.62 -4.39 -8.70
N GLN B 15 5.67 -5.28 -8.53
CA GLN B 15 4.51 -4.96 -7.70
C GLN B 15 4.88 -4.75 -6.24
N ILE B 16 5.79 -5.57 -5.71
CA ILE B 16 6.22 -5.36 -4.33
C ILE B 16 6.88 -3.97 -4.20
N GLY B 17 7.80 -3.65 -5.09
CA GLY B 17 8.48 -2.36 -5.04
C GLY B 17 7.52 -1.20 -5.11
N TYR B 18 6.48 -1.36 -5.92
CA TYR B 18 5.45 -0.33 -6.11
C TYR B 18 4.74 -0.03 -4.80
N ILE B 19 4.29 -1.07 -4.12
CA ILE B 19 3.56 -0.87 -2.88
C ILE B 19 4.52 -0.48 -1.75
N LEU B 20 5.64 -1.19 -1.64
CA LEU B 20 6.62 -0.95 -0.61
C LEU B 20 7.11 0.49 -0.64
N SER B 21 7.45 1.00 -1.82
CA SER B 21 7.95 2.37 -1.91
CA SER B 21 7.92 2.38 -1.98
C SER B 21 6.91 3.37 -1.41
N HIS B 22 5.65 3.22 -1.78
CA HIS B 22 4.63 4.14 -1.34
C HIS B 22 4.39 4.03 0.17
N TRP B 23 4.35 2.83 0.71
N TRP B 23 4.39 2.82 0.69
CA TRP B 23 4.08 2.66 2.13
CA TRP B 23 4.13 2.59 2.10
C TRP B 23 5.24 3.16 3.00
C TRP B 23 5.22 3.26 2.91
N ILE B 24 6.47 3.03 2.52
CA ILE B 24 7.59 3.65 3.21
C ILE B 24 7.54 5.18 3.10
N ALA B 25 7.29 5.70 1.90
CA ALA B 25 7.21 7.15 1.69
C ALA B 25 6.10 7.82 2.49
N SER B 26 5.08 7.05 2.85
CA SER B 26 3.95 7.53 3.63
C SER B 26 4.30 7.74 5.10
N GLY B 27 5.47 7.27 5.52
CA GLY B 27 5.96 7.49 6.87
C GLY B 27 5.89 6.28 7.80
N GLU B 28 5.44 5.14 7.27
CA GLU B 28 5.18 3.98 8.11
C GLU B 28 6.42 3.28 8.68
N LEU B 29 7.56 3.40 8.01
CA LEU B 29 8.75 2.68 8.45
C LEU B 29 9.54 3.51 9.46
N TYR B 30 9.88 4.73 9.10
CA TYR B 30 10.78 5.56 9.89
C TYR B 30 10.10 6.65 10.72
N GLY B 31 8.78 6.60 10.84
CA GLY B 31 8.08 7.53 11.70
C GLY B 31 8.21 8.97 11.23
N ASP B 32 8.60 9.88 12.14
CA ASP B 32 8.71 11.29 11.79
C ASP B 32 9.91 11.61 10.91
N ARG B 33 10.84 10.68 10.80
CA ARG B 33 12.05 10.91 10.01
C ARG B 33 11.77 10.80 8.52
N GLN B 34 12.39 11.66 7.71
CA GLN B 34 12.24 11.54 6.26
C GLN B 34 13.02 10.37 5.70
N VAL B 35 12.61 9.93 4.51
CA VAL B 35 13.27 8.86 3.80
C VAL B 35 13.65 9.31 2.41
N TYR B 36 14.76 8.75 1.93
CA TYR B 36 15.24 8.98 0.58
C TYR B 36 15.34 7.61 -0.05
N LEU B 37 14.57 7.39 -1.11
CA LEU B 37 14.49 6.06 -1.70
C LEU B 37 15.46 5.84 -2.86
N HIS B 38 16.25 4.77 -2.74
CA HIS B 38 17.09 4.30 -3.85
C HIS B 38 16.32 3.16 -4.49
N LEU B 39 15.98 3.31 -5.77
CA LEU B 39 15.10 2.39 -6.45
C LEU B 39 15.85 1.78 -7.61
N LEU B 40 16.24 0.51 -7.47
CA LEU B 40 17.09 -0.16 -8.43
C LEU B 40 16.32 -1.17 -9.26
N ASP B 41 16.50 -1.16 -10.57
CA ASP B 41 15.99 -2.25 -11.40
C ASP B 41 16.84 -2.33 -12.67
N ILE B 42 16.41 -3.16 -13.61
CA ILE B 42 17.19 -3.37 -14.83
C ILE B 42 16.68 -2.48 -15.97
N PRO B 43 17.51 -2.26 -17.00
CA PRO B 43 17.13 -1.32 -18.05
C PRO B 43 15.74 -1.52 -18.67
N PRO B 44 15.34 -2.76 -18.96
CA PRO B 44 14.02 -2.95 -19.56
C PRO B 44 12.86 -2.49 -18.66
N ALA B 45 13.11 -2.37 -17.36
CA ALA B 45 12.08 -2.05 -16.38
C ALA B 45 12.03 -0.55 -16.10
N MET B 46 12.91 0.22 -16.74
CA MET B 46 13.05 1.63 -16.33
C MET B 46 11.85 2.50 -16.65
N ASN B 47 11.10 2.20 -17.71
CA ASN B 47 9.88 2.95 -17.96
C ASN B 47 8.83 2.70 -16.87
N ARG B 48 8.70 1.46 -16.41
CA ARG B 48 7.80 1.15 -15.29
C ARG B 48 8.31 1.81 -14.02
N LEU B 49 9.63 1.89 -13.86
CA LEU B 49 10.16 2.55 -12.68
C LEU B 49 9.90 4.06 -12.73
N THR B 50 9.98 4.65 -13.90
CA THR B 50 9.67 6.06 -14.05
C THR B 50 8.21 6.29 -13.67
N ALA B 51 7.32 5.41 -14.12
CA ALA B 51 5.91 5.49 -13.75
C ALA B 51 5.74 5.46 -12.24
N LEU B 52 6.48 4.58 -11.57
N LEU B 52 6.50 4.59 -11.59
CA LEU B 52 6.42 4.50 -10.11
CA LEU B 52 6.44 4.46 -10.15
C LEU B 52 6.79 5.84 -9.50
C LEU B 52 6.82 5.79 -9.50
N THR B 53 7.90 6.39 -9.94
CA THR B 53 8.37 7.64 -9.33
C THR B 53 7.41 8.78 -9.59
N MET B 54 6.75 8.79 -10.75
CA MET B 54 5.75 9.83 -11.04
C MET B 54 4.59 9.73 -10.03
N GLU B 55 4.17 8.51 -9.71
CA GLU B 55 3.13 8.34 -8.69
C GLU B 55 3.59 8.71 -7.30
N LEU B 56 4.84 8.40 -6.95
CA LEU B 56 5.39 8.86 -5.67
C LEU B 56 5.32 10.38 -5.61
N GLU B 57 5.78 11.03 -6.67
CA GLU B 57 5.71 12.50 -6.74
C GLU B 57 4.29 13.01 -6.54
N ASP B 58 3.35 12.33 -7.17
CA ASP B 58 1.95 12.76 -7.18
C ASP B 58 1.22 12.50 -5.87
N CYS B 59 1.92 11.94 -4.89
CA CYS B 59 1.38 11.80 -3.54
C CYS B 59 1.74 12.99 -2.65
N ALA B 60 2.72 13.78 -3.06
CA ALA B 60 3.17 14.93 -2.27
C ALA B 60 3.44 14.52 -0.82
N PHE B 61 4.19 13.43 -0.67
CA PHE B 61 4.49 12.88 0.64
C PHE B 61 5.41 13.79 1.43
N PRO B 62 5.00 14.24 2.62
CA PRO B 62 5.89 15.07 3.44
C PRO B 62 7.14 14.31 3.93
N HIS B 63 7.07 12.98 4.03
CA HIS B 63 8.21 12.21 4.53
C HIS B 63 9.22 11.90 3.44
N LEU B 64 8.88 12.15 2.19
CA LEU B 64 9.77 11.80 1.09
C LEU B 64 10.74 12.93 0.77
N ALA B 65 12.00 12.74 1.19
CA ALA B 65 13.04 13.75 0.99
C ALA B 65 13.48 13.77 -0.45
N GLY B 66 13.40 12.61 -1.09
CA GLY B 66 13.83 12.46 -2.47
C GLY B 66 13.98 11.00 -2.86
N PHE B 67 14.45 10.77 -4.07
CA PHE B 67 14.64 9.41 -4.56
C PHE B 67 15.57 9.44 -5.75
N VAL B 68 16.15 8.27 -6.05
CA VAL B 68 16.84 8.05 -7.30
C VAL B 68 16.36 6.73 -7.88
N ALA B 69 15.93 6.77 -9.14
CA ALA B 69 15.59 5.59 -9.89
C ALA B 69 16.75 5.30 -10.79
N THR B 70 17.28 4.09 -10.72
CA THR B 70 18.57 3.82 -11.36
C THR B 70 18.74 2.36 -11.75
N THR B 71 19.64 2.12 -12.70
CA THR B 71 20.13 0.78 -13.01
C THR B 71 21.55 0.56 -12.48
N ASP B 72 22.13 1.57 -11.86
CA ASP B 72 23.54 1.58 -11.46
C ASP B 72 23.71 1.18 -9.99
N PRO B 73 24.43 0.08 -9.73
CA PRO B 73 24.69 -0.33 -8.34
C PRO B 73 25.25 0.76 -7.43
N LYS B 74 26.26 1.51 -7.85
CA LYS B 74 26.81 2.52 -6.93
C LYS B 74 25.74 3.52 -6.50
N ALA B 75 24.97 4.03 -7.45
CA ALA B 75 23.92 5.00 -7.13
C ALA B 75 22.86 4.39 -6.21
N ALA B 76 22.60 3.11 -6.39
CA ALA B 76 21.60 2.40 -5.62
C ALA B 76 22.04 2.10 -4.19
N PHE B 77 23.32 1.77 -4.01
CA PHE B 77 23.80 1.27 -2.72
C PHE B 77 24.53 2.33 -1.90
N LYS B 78 24.84 3.46 -2.50
CA LYS B 78 25.66 4.47 -1.83
C LYS B 78 25.05 4.99 -0.53
N ASP B 79 25.74 4.75 0.57
CA ASP B 79 25.40 5.31 1.87
C ASP B 79 24.00 4.96 2.36
N ILE B 80 23.50 3.79 1.98
CA ILE B 80 22.18 3.37 2.44
C ILE B 80 22.21 2.91 3.89
N ASP B 81 21.07 3.14 4.54
CA ASP B 81 20.82 2.71 5.92
C ASP B 81 20.12 1.35 6.03
N CYS B 82 19.30 1.00 5.06
CA CYS B 82 18.71 -0.33 5.02
C CYS B 82 18.37 -0.68 3.59
N ALA B 83 18.12 -1.96 3.36
CA ALA B 83 17.85 -2.47 2.02
C ALA B 83 16.80 -3.57 2.06
N PHE B 84 15.89 -3.51 1.09
CA PHE B 84 14.92 -4.57 0.84
C PHE B 84 15.34 -5.26 -0.44
N LEU B 85 15.96 -6.44 -0.31
CA LEU B 85 16.47 -7.17 -1.47
C LEU B 85 15.37 -8.06 -2.03
N VAL B 86 14.52 -7.44 -2.83
CA VAL B 86 13.35 -8.09 -3.41
C VAL B 86 13.67 -8.84 -4.68
N ALA B 87 14.50 -8.23 -5.54
CA ALA B 87 14.85 -8.85 -6.80
C ALA B 87 15.56 -10.18 -6.62
N SER B 88 15.25 -11.13 -7.52
CA SER B 88 15.95 -12.39 -7.59
C SER B 88 15.73 -12.94 -9.00
N MET B 89 16.49 -13.97 -9.33
N MET B 89 16.49 -13.98 -9.35
CA MET B 89 16.32 -14.68 -10.59
CA MET B 89 16.33 -14.65 -10.62
C MET B 89 15.20 -15.70 -10.43
C MET B 89 15.25 -15.72 -10.48
N PRO B 90 14.22 -15.68 -11.33
CA PRO B 90 13.17 -16.69 -11.26
C PRO B 90 13.63 -18.06 -11.73
N LEU B 91 12.88 -19.07 -11.35
CA LEU B 91 13.06 -20.42 -11.85
C LEU B 91 12.74 -20.40 -13.35
N LYS B 92 13.65 -20.93 -14.17
CA LYS B 92 13.42 -21.08 -15.60
C LYS B 92 12.72 -22.41 -15.86
N PRO B 93 11.97 -22.49 -16.97
CA PRO B 93 11.32 -23.76 -17.30
C PRO B 93 12.31 -24.91 -17.34
N GLY B 94 11.92 -25.99 -16.68
CA GLY B 94 12.75 -27.17 -16.62
C GLY B 94 13.71 -27.20 -15.46
N GLN B 95 13.90 -26.09 -14.77
CA GLN B 95 14.88 -26.06 -13.69
C GLN B 95 14.32 -26.65 -12.42
N VAL B 96 15.22 -27.10 -11.55
CA VAL B 96 14.84 -27.56 -10.23
C VAL B 96 15.46 -26.61 -9.21
N ARG B 97 15.18 -26.84 -7.94
CA ARG B 97 15.63 -25.94 -6.91
C ARG B 97 17.14 -25.73 -6.92
N ALA B 98 17.91 -26.77 -7.21
CA ALA B 98 19.37 -26.62 -7.25
C ALA B 98 19.77 -25.55 -8.25
N ASP B 99 19.08 -25.49 -9.39
CA ASP B 99 19.37 -24.49 -10.41
C ASP B 99 18.96 -23.09 -9.96
N LEU B 100 17.86 -22.99 -9.22
CA LEU B 100 17.40 -21.72 -8.68
C LEU B 100 18.43 -21.18 -7.69
N ILE B 101 18.95 -22.06 -6.83
CA ILE B 101 19.98 -21.67 -5.88
C ILE B 101 21.19 -21.20 -6.67
N SER B 102 21.58 -21.97 -7.68
CA SER B 102 22.74 -21.65 -8.50
C SER B 102 22.67 -20.29 -9.20
N SER B 103 21.58 -20.05 -9.90
CA SER B 103 21.49 -18.80 -10.66
C SER B 103 21.52 -17.60 -9.70
N ASN B 104 20.88 -17.76 -8.54
CA ASN B 104 20.82 -16.66 -7.59
C ASN B 104 22.12 -16.45 -6.84
N SER B 105 22.95 -17.48 -6.74
CA SER B 105 24.20 -17.34 -6.01
C SER B 105 25.04 -16.24 -6.63
N VAL B 106 25.03 -16.14 -7.96
CA VAL B 106 25.83 -15.13 -8.66
C VAL B 106 25.34 -13.71 -8.31
N ILE B 107 24.01 -13.53 -8.39
N ILE B 107 24.04 -13.48 -8.38
CA ILE B 107 23.37 -12.26 -8.12
CA ILE B 107 23.55 -12.13 -8.17
C ILE B 107 23.71 -11.77 -6.72
C ILE B 107 23.65 -11.72 -6.68
N PHE B 108 23.59 -12.69 -5.77
CA PHE B 108 23.74 -12.33 -4.36
C PHE B 108 25.19 -12.19 -3.95
N LYS B 109 26.10 -12.90 -4.63
CA LYS B 109 27.52 -12.62 -4.48
C LYS B 109 27.78 -11.17 -4.88
N ASN B 110 27.27 -10.78 -6.04
CA ASN B 110 27.45 -9.44 -6.57
C ASN B 110 26.84 -8.40 -5.65
N THR B 111 25.66 -8.71 -5.11
CA THR B 111 24.99 -7.78 -4.22
C THR B 111 25.74 -7.61 -2.90
N GLY B 112 26.27 -8.69 -2.34
CA GLY B 112 27.04 -8.59 -1.13
C GLY B 112 28.26 -7.69 -1.34
N GLU B 113 28.86 -7.80 -2.53
CA GLU B 113 30.00 -6.97 -2.87
C GLU B 113 29.62 -5.50 -2.97
N TYR B 114 28.48 -5.22 -3.60
CA TYR B 114 28.00 -3.83 -3.69
C TYR B 114 27.72 -3.25 -2.30
N LEU B 115 27.07 -4.03 -1.43
CA LEU B 115 26.78 -3.59 -0.08
C LEU B 115 28.04 -3.26 0.69
N SER B 116 29.01 -4.17 0.65
CA SER B 116 30.25 -3.93 1.36
C SER B 116 30.96 -2.67 0.86
N LYS B 117 30.99 -2.51 -0.46
CA LYS B 117 31.72 -1.41 -1.06
C LYS B 117 31.09 -0.05 -0.75
N TRP B 118 29.76 0.02 -0.74
CA TRP B 118 29.11 1.32 -0.81
C TRP B 118 28.10 1.65 0.31
N ALA B 119 27.52 0.65 0.96
CA ALA B 119 26.51 0.93 1.97
C ALA B 119 27.16 1.38 3.26
N LYS B 120 26.40 2.02 4.14
CA LYS B 120 26.92 2.30 5.47
C LYS B 120 27.25 0.99 6.20
N PRO B 121 28.26 1.02 7.08
CA PRO B 121 28.60 -0.15 7.90
C PRO B 121 27.45 -0.61 8.79
N SER B 122 26.49 0.27 9.01
CA SER B 122 25.33 -0.02 9.87
C SER B 122 24.13 -0.52 9.10
N VAL B 123 24.28 -0.72 7.79
CA VAL B 123 23.16 -1.10 6.93
C VAL B 123 22.45 -2.37 7.42
N LYS B 124 21.12 -2.32 7.41
CA LYS B 124 20.30 -3.47 7.68
C LYS B 124 19.70 -4.02 6.39
N VAL B 125 20.13 -5.23 6.04
CA VAL B 125 19.78 -5.85 4.78
C VAL B 125 18.77 -6.97 5.01
N LEU B 126 17.58 -6.77 4.47
CA LEU B 126 16.51 -7.74 4.56
C LEU B 126 16.37 -8.45 3.21
N VAL B 127 16.66 -9.74 3.19
CA VAL B 127 16.60 -10.50 1.97
C VAL B 127 15.24 -11.16 1.82
N ILE B 128 14.60 -10.84 0.69
CA ILE B 128 13.23 -11.26 0.42
C ILE B 128 13.16 -12.20 -0.79
N GLY B 129 13.88 -11.85 -1.85
CA GLY B 129 13.88 -12.66 -3.06
C GLY B 129 14.36 -14.08 -2.78
N ASN B 130 13.71 -15.03 -3.45
CA ASN B 130 14.01 -16.41 -3.16
CA ASN B 130 13.87 -16.48 -3.30
C ASN B 130 15.15 -16.99 -3.98
N PRO B 131 15.84 -18.00 -3.40
CA PRO B 131 15.66 -18.62 -2.10
C PRO B 131 16.32 -17.77 -1.02
N ASP B 132 15.50 -17.18 -0.14
CA ASP B 132 15.98 -16.07 0.67
C ASP B 132 17.02 -16.45 1.72
N ASN B 133 16.87 -17.57 2.45
CA ASN B 133 17.89 -17.91 3.45
C ASN B 133 19.25 -18.05 2.78
N THR B 134 19.30 -18.77 1.66
CA THR B 134 20.57 -19.02 1.01
C THR B 134 21.11 -17.80 0.29
N ASN B 135 20.23 -17.01 -0.31
CA ASN B 135 20.66 -15.75 -0.90
C ASN B 135 21.29 -14.86 0.16
N CYS B 136 20.70 -14.86 1.34
CA CYS B 136 21.21 -14.07 2.46
C CYS B 136 22.60 -14.53 2.89
N GLU B 137 22.76 -15.84 3.06
CA GLU B 137 24.08 -16.39 3.42
C GLU B 137 25.14 -16.01 2.39
N ILE B 138 24.80 -16.17 1.11
CA ILE B 138 25.74 -15.85 0.04
C ILE B 138 26.10 -14.36 0.03
N ALA B 139 25.11 -13.48 0.15
CA ALA B 139 25.41 -12.06 0.17
C ALA B 139 26.32 -11.72 1.34
N MET B 140 26.02 -12.29 2.50
CA MET B 140 26.81 -12.02 3.71
C MET B 140 28.26 -12.50 3.54
N LEU B 141 28.44 -13.70 3.00
CA LEU B 141 29.78 -14.27 2.81
C LEU B 141 30.63 -13.42 1.89
N HIS B 142 29.96 -12.69 0.98
CA HIS B 142 30.67 -11.88 -0.02
C HIS B 142 30.62 -10.38 0.27
N ALA B 143 30.31 -10.04 1.52
CA ALA B 143 30.27 -8.64 1.98
C ALA B 143 31.41 -8.43 2.97
N LYS B 144 32.60 -8.15 2.47
CA LYS B 144 33.79 -8.26 3.31
C LYS B 144 33.82 -7.25 4.46
N ASN B 145 33.27 -6.05 4.24
CA ASN B 145 33.30 -5.02 5.27
C ASN B 145 32.07 -5.00 6.17
N LEU B 146 31.19 -5.99 6.00
CA LEU B 146 29.99 -6.10 6.83
C LEU B 146 30.07 -7.33 7.74
N LYS B 147 29.04 -7.51 8.55
CA LYS B 147 29.05 -8.50 9.62
C LYS B 147 27.71 -9.23 9.62
N PRO B 148 27.62 -10.36 10.34
CA PRO B 148 26.36 -11.08 10.40
C PRO B 148 25.16 -10.22 10.86
N GLU B 149 25.42 -9.27 11.75
CA GLU B 149 24.38 -8.41 12.28
CA GLU B 149 24.39 -8.40 12.28
C GLU B 149 23.72 -7.54 11.21
N ASN B 150 24.36 -7.42 10.04
CA ASN B 150 23.82 -6.60 8.95
C ASN B 150 22.76 -7.30 8.09
N PHE B 151 22.50 -8.59 8.33
CA PHE B 151 21.75 -9.44 7.42
C PHE B 151 20.65 -10.21 8.12
N SER B 152 19.50 -10.29 7.46
CA SER B 152 18.43 -11.18 7.88
C SER B 152 17.55 -11.50 6.66
N SER B 153 16.69 -12.51 6.80
CA SER B 153 15.76 -12.91 5.73
C SER B 153 14.36 -12.97 6.24
N LEU B 154 13.40 -12.81 5.34
CA LEU B 154 12.00 -12.64 5.72
C LEU B 154 11.22 -13.93 5.86
N SER B 155 10.81 -14.25 7.09
CA SER B 155 9.92 -15.38 7.32
C SER B 155 8.56 -14.94 7.91
N MET B 156 8.37 -13.62 8.08
CA MET B 156 7.14 -13.16 8.69
C MET B 156 5.87 -13.36 7.84
N LEU B 157 5.98 -13.46 6.51
CA LEU B 157 4.79 -13.76 5.71
C LEU B 157 4.21 -15.11 6.13
N ASP B 158 5.09 -16.09 6.28
CA ASP B 158 4.65 -17.41 6.71
C ASP B 158 4.08 -17.40 8.13
N GLN B 159 4.70 -16.64 9.02
CA GLN B 159 4.17 -16.53 10.38
C GLN B 159 2.78 -15.89 10.37
N ASN B 160 2.62 -14.81 9.64
CA ASN B 160 1.32 -14.15 9.55
C ASN B 160 0.23 -15.07 8.97
N ARG B 161 0.57 -15.82 7.91
CA ARG B 161 -0.36 -16.82 7.37
C ARG B 161 -0.78 -17.80 8.43
N ALA B 162 0.19 -18.29 9.21
CA ALA B 162 -0.06 -19.26 10.24
C ALA B 162 -0.96 -18.72 11.36
N TYR B 163 -0.71 -17.49 11.78
CA TYR B 163 -1.56 -16.89 12.80
C TYR B 163 -3.01 -16.79 12.33
N TYR B 164 -3.23 -16.30 11.11
CA TYR B 164 -4.60 -16.10 10.68
C TYR B 164 -5.30 -17.45 10.58
N GLU B 165 -4.60 -18.45 10.06
CA GLU B 165 -5.19 -19.77 9.88
C GLU B 165 -5.59 -20.39 11.23
N VAL B 166 -4.68 -20.33 12.19
CA VAL B 166 -4.93 -20.93 13.49
C VAL B 166 -6.02 -20.17 14.24
N ALA B 167 -5.95 -18.84 14.23
CA ALA B 167 -6.98 -18.04 14.87
C ALA B 167 -8.35 -18.34 14.29
N SER B 168 -8.45 -18.46 12.96
CA SER B 168 -9.71 -18.81 12.30
CA SER B 168 -9.73 -18.77 12.36
C SER B 168 -10.19 -20.18 12.76
N LYS B 169 -9.25 -21.12 12.88
CA LYS B 169 -9.60 -22.49 13.24
C LYS B 169 -10.15 -22.54 14.65
N LEU B 170 -9.60 -21.71 15.53
CA LEU B 170 -9.98 -21.66 16.94
C LEU B 170 -11.15 -20.71 17.23
N GLY B 171 -11.53 -19.91 16.24
CA GLY B 171 -12.60 -18.95 16.39
C GLY B 171 -12.25 -17.86 17.38
N VAL B 172 -11.01 -17.38 17.32
CA VAL B 172 -10.58 -16.21 18.08
C VAL B 172 -9.92 -15.23 17.13
N ASP B 173 -9.63 -14.02 17.60
N ASP B 173 -9.59 -14.04 17.66
CA ASP B 173 -8.91 -13.07 16.76
CA ASP B 173 -8.86 -13.02 16.93
C ASP B 173 -7.41 -13.21 16.98
C ASP B 173 -7.38 -13.37 16.94
N VAL B 174 -6.63 -12.86 15.96
CA VAL B 174 -5.19 -13.14 15.92
C VAL B 174 -4.48 -12.66 17.19
N LYS B 175 -4.96 -11.59 17.81
CA LYS B 175 -4.33 -11.06 19.01
C LYS B 175 -4.41 -12.02 20.19
N ASP B 176 -5.32 -13.00 20.10
CA ASP B 176 -5.52 -13.92 21.21
C ASP B 176 -4.79 -15.25 21.03
N VAL B 177 -3.95 -15.32 20.00
CA VAL B 177 -3.09 -16.48 19.78
C VAL B 177 -1.66 -16.01 20.03
N HIS B 178 -0.83 -16.91 20.52
CA HIS B 178 0.51 -16.56 20.95
C HIS B 178 1.52 -17.63 20.63
N ASP B 179 2.71 -17.18 20.23
CA ASP B 179 3.92 -18.02 20.17
C ASP B 179 3.90 -19.11 19.09
N ILE B 180 3.26 -18.82 17.97
CA ILE B 180 3.46 -19.58 16.74
C ILE B 180 4.80 -19.18 16.14
N ILE B 181 5.57 -20.16 15.69
CA ILE B 181 6.93 -19.88 15.20
C ILE B 181 7.13 -20.57 13.87
N VAL B 182 7.82 -19.90 12.94
CA VAL B 182 8.28 -20.52 11.72
C VAL B 182 9.80 -20.67 11.83
N TRP B 183 10.29 -21.90 11.80
CA TRP B 183 11.71 -22.15 11.99
C TRP B 183 12.38 -22.63 10.70
N GLY B 184 13.66 -22.32 10.57
CA GLY B 184 14.51 -22.94 9.56
C GLY B 184 14.50 -22.27 8.20
N ASN B 185 14.40 -23.10 7.16
CA ASN B 185 14.40 -22.67 5.77
C ASN B 185 12.99 -22.39 5.27
N HIS B 186 12.91 -21.74 4.13
CA HIS B 186 11.72 -21.83 3.26
C HIS B 186 11.75 -23.11 2.46
N GLY B 187 10.73 -23.31 1.65
CA GLY B 187 10.62 -24.51 0.85
C GLY B 187 10.02 -25.61 1.68
N GLU B 188 10.18 -26.83 1.19
CA GLU B 188 9.52 -27.97 1.78
C GLU B 188 9.94 -28.25 3.20
N SER B 189 11.12 -27.80 3.64
CA SER B 189 11.60 -28.14 4.97
C SER B 189 11.21 -27.16 6.08
N MET B 190 10.54 -26.07 5.70
N MET B 190 10.54 -26.07 5.69
CA MET B 190 10.09 -25.08 6.67
CA MET B 190 10.06 -25.09 6.65
C MET B 190 9.29 -25.71 7.81
C MET B 190 9.30 -25.72 7.80
N VAL B 191 9.56 -25.25 9.02
CA VAL B 191 8.87 -25.79 10.19
C VAL B 191 7.84 -24.79 10.72
N ALA B 192 6.57 -25.08 10.48
CA ALA B 192 5.50 -24.26 11.02
C ALA B 192 5.08 -24.89 12.36
N ASP B 193 5.64 -24.35 13.42
CA ASP B 193 5.58 -24.94 14.75
C ASP B 193 4.44 -24.37 15.58
N LEU B 194 3.52 -25.26 15.95
CA LEU B 194 2.42 -24.91 16.85
C LEU B 194 2.62 -25.46 18.25
N THR B 195 3.74 -26.12 18.50
CA THR B 195 3.90 -26.82 19.78
C THR B 195 4.13 -25.91 20.99
N GLN B 196 4.45 -24.64 20.74
CA GLN B 196 4.59 -23.67 21.83
C GLN B 196 3.32 -22.87 22.03
N ALA B 197 2.41 -22.91 21.06
CA ALA B 197 1.42 -21.87 20.93
C ALA B 197 0.29 -22.01 21.95
N THR B 198 -0.20 -20.86 22.41
CA THR B 198 -1.33 -20.79 23.33
C THR B 198 -2.37 -19.87 22.76
N PHE B 199 -3.59 -20.00 23.24
CA PHE B 199 -4.64 -19.09 22.84
C PHE B 199 -5.58 -18.84 24.00
N THR B 200 -6.18 -17.66 24.01
CA THR B 200 -7.13 -17.26 25.04
C THR B 200 -8.49 -17.15 24.40
N LYS B 201 -9.45 -17.86 24.97
CA LYS B 201 -10.82 -17.83 24.51
C LYS B 201 -11.72 -17.84 25.73
N GLU B 202 -12.55 -16.81 25.85
CA GLU B 202 -13.50 -16.70 26.93
C GLU B 202 -12.77 -16.83 28.27
N GLY B 203 -11.64 -16.13 28.36
CA GLY B 203 -10.90 -15.98 29.60
C GLY B 203 -10.16 -17.22 30.03
N LYS B 204 -10.10 -18.20 29.14
CA LYS B 204 -9.38 -19.44 29.38
C LYS B 204 -8.22 -19.53 28.41
N THR B 205 -7.04 -19.77 28.95
CA THR B 205 -5.84 -19.93 28.14
C THR B 205 -5.44 -21.40 28.06
N GLN B 206 -5.19 -21.88 26.85
CA GLN B 206 -4.83 -23.28 26.62
C GLN B 206 -3.76 -23.36 25.54
N LYS B 207 -3.08 -24.51 25.47
CA LYS B 207 -2.19 -24.81 24.35
C LYS B 207 -2.99 -25.21 23.14
N VAL B 208 -2.61 -24.64 22.01
CA VAL B 208 -3.26 -24.95 20.75
C VAL B 208 -3.26 -26.44 20.47
N VAL B 209 -2.14 -27.11 20.71
CA VAL B 209 -2.06 -28.54 20.39
C VAL B 209 -2.85 -29.42 21.36
N ASP B 210 -3.30 -28.84 22.48
CA ASP B 210 -4.15 -29.58 23.42
C ASP B 210 -5.63 -29.49 23.06
N VAL B 211 -5.95 -28.66 22.06
CA VAL B 211 -7.34 -28.44 21.65
C VAL B 211 -7.58 -28.90 20.21
N LEU B 212 -6.67 -28.58 19.30
CA LEU B 212 -6.82 -29.01 17.91
C LEU B 212 -6.41 -30.47 17.70
N ASP B 213 -7.06 -31.11 16.73
CA ASP B 213 -6.77 -32.52 16.40
C ASP B 213 -5.35 -32.68 15.89
N HIS B 214 -4.74 -33.82 16.20
CA HIS B 214 -3.42 -34.16 15.73
C HIS B 214 -3.34 -34.08 14.21
N ASP B 215 -4.37 -34.58 13.55
CA ASP B 215 -4.39 -34.63 12.09
C ASP B 215 -4.33 -33.23 11.51
N TYR B 216 -5.01 -32.30 12.17
CA TYR B 216 -4.95 -30.91 11.75
C TYR B 216 -3.55 -30.33 11.95
N VAL B 217 -3.08 -30.37 13.19
CA VAL B 217 -1.79 -29.76 13.55
C VAL B 217 -0.65 -30.29 12.70
N PHE B 218 -0.54 -31.62 12.61
CA PHE B 218 0.63 -32.24 12.00
C PHE B 218 0.37 -32.82 10.61
N ASP B 219 -0.67 -32.34 9.93
CA ASP B 219 -0.83 -32.60 8.50
C ASP B 219 -1.52 -31.46 7.74
N THR B 220 -2.82 -31.27 8.01
CA THR B 220 -3.63 -30.31 7.28
C THR B 220 -3.05 -28.90 7.34
N PHE B 221 -2.69 -28.50 8.55
CA PHE B 221 -2.15 -27.17 8.78
C PHE B 221 -0.92 -26.91 7.88
N PHE B 222 0.09 -27.77 7.90
CA PHE B 222 1.28 -27.45 7.10
C PHE B 222 0.96 -27.50 5.60
N LYS B 223 0.05 -28.39 5.23
CA LYS B 223 -0.37 -28.44 3.83
C LYS B 223 -0.95 -27.10 3.39
N LYS B 224 -1.76 -26.47 4.24
CA LYS B 224 -2.32 -25.18 3.86
C LYS B 224 -1.23 -24.11 3.81
N ILE B 225 -0.39 -24.06 4.83
CA ILE B 225 0.71 -23.09 4.89
C ILE B 225 1.74 -23.31 3.78
N GLY B 226 1.99 -24.58 3.47
CA GLY B 226 3.03 -24.91 2.50
C GLY B 226 2.67 -24.62 1.06
N HIS B 227 1.37 -24.57 0.78
CA HIS B 227 0.89 -24.39 -0.59
C HIS B 227 0.22 -23.05 -0.79
N ARG B 228 0.24 -22.19 0.23
CA ARG B 228 -0.53 -20.96 0.17
C ARG B 228 -0.10 -20.02 -0.96
N ALA B 229 1.21 -19.89 -1.18
CA ALA B 229 1.72 -19.04 -2.25
C ALA B 229 1.18 -19.50 -3.58
N TRP B 230 1.16 -20.82 -3.79
CA TRP B 230 0.68 -21.37 -5.05
C TRP B 230 -0.80 -21.03 -5.26
N ASP B 231 -1.56 -21.07 -4.17
CA ASP B 231 -3.01 -20.84 -4.24
C ASP B 231 -3.36 -19.37 -4.55
N ILE B 232 -2.56 -18.46 -4.00
N ILE B 232 -2.58 -18.43 -4.06
CA ILE B 232 -2.66 -17.03 -4.32
CA ILE B 232 -2.87 -17.04 -4.42
C ILE B 232 -2.50 -16.85 -5.83
C ILE B 232 -2.49 -16.78 -5.89
N LEU B 233 -1.41 -17.36 -6.36
CA LEU B 233 -1.04 -17.22 -7.77
C LEU B 233 -2.14 -17.76 -8.67
N GLU B 234 -2.73 -18.87 -8.24
CA GLU B 234 -3.83 -19.50 -8.93
C GLU B 234 -5.01 -18.55 -9.12
N HIS B 235 -5.40 -17.85 -8.05
CA HIS B 235 -6.54 -16.93 -8.09
C HIS B 235 -6.17 -15.55 -8.66
N ARG B 236 -4.97 -15.06 -8.32
CA ARG B 236 -4.52 -13.71 -8.67
C ARG B 236 -3.93 -13.59 -10.07
N GLY B 237 -3.41 -14.69 -10.60
CA GLY B 237 -2.70 -14.67 -11.88
C GLY B 237 -1.27 -14.17 -11.72
N PHE B 238 -0.93 -13.70 -10.53
CA PHE B 238 0.41 -13.22 -10.23
C PHE B 238 0.71 -13.59 -8.80
N THR B 239 2.00 -13.57 -8.44
CA THR B 239 2.38 -13.87 -7.06
C THR B 239 1.89 -12.80 -6.11
N SER B 240 1.86 -13.14 -4.82
CA SER B 240 1.52 -12.22 -3.74
CA SER B 240 1.44 -12.19 -3.82
C SER B 240 2.36 -10.96 -3.83
N ALA B 241 1.81 -9.83 -3.40
CA ALA B 241 2.56 -8.58 -3.38
C ALA B 241 2.27 -7.75 -2.13
N ALA B 242 1.00 -7.43 -1.90
CA ALA B 242 0.66 -6.66 -0.70
C ALA B 242 1.01 -7.39 0.59
N SER B 243 0.80 -8.70 0.64
CA SER B 243 1.09 -9.44 1.87
C SER B 243 2.58 -9.63 2.20
N PRO B 244 3.43 -9.96 1.20
CA PRO B 244 4.86 -9.93 1.57
C PRO B 244 5.36 -8.52 1.88
N THR B 245 4.76 -7.50 1.23
CA THR B 245 5.16 -6.14 1.53
C THR B 245 4.86 -5.79 2.98
N LYS B 246 3.66 -6.15 3.43
CA LYS B 246 3.26 -5.92 4.82
C LYS B 246 4.25 -6.60 5.79
N ALA B 247 4.58 -7.85 5.51
CA ALA B 247 5.55 -8.60 6.33
C ALA B 247 6.92 -7.96 6.32
N ALA B 248 7.35 -7.48 5.15
CA ALA B 248 8.68 -6.86 4.99
C ALA B 248 8.82 -5.59 5.81
N ILE B 249 7.82 -4.73 5.72
N ILE B 249 7.82 -4.72 5.74
CA ILE B 249 7.83 -3.49 6.49
CA ILE B 249 7.89 -3.46 6.48
C ILE B 249 7.81 -3.84 7.96
C ILE B 249 7.67 -3.71 7.97
N GLN B 250 6.97 -4.79 8.32
CA GLN B 250 6.86 -5.25 9.70
C GLN B 250 8.20 -5.73 10.27
N HIS B 251 8.89 -6.55 9.51
CA HIS B 251 10.19 -7.06 9.92
C HIS B 251 11.18 -5.91 10.07
N MET B 252 11.28 -5.06 9.05
CA MET B 252 12.29 -4.00 9.07
C MET B 252 12.00 -3.01 10.20
N LYS B 253 10.72 -2.66 10.41
CA LYS B 253 10.39 -1.71 11.47
C LYS B 253 10.77 -2.27 12.85
N ALA B 254 10.51 -3.56 13.06
CA ALA B 254 10.93 -4.24 14.30
C ALA B 254 12.46 -4.23 14.42
N TRP B 255 13.15 -4.53 13.33
CA TRP B 255 14.61 -4.59 13.34
C TRP B 255 15.20 -3.23 13.65
N LEU B 256 14.58 -2.17 13.14
CA LEU B 256 15.12 -0.83 13.35
C LEU B 256 14.90 -0.30 14.77
N PHE B 257 13.70 -0.55 15.34
CA PHE B 257 13.27 0.15 16.55
C PHE B 257 12.87 -0.74 17.73
N GLY B 258 12.84 -2.04 17.52
CA GLY B 258 12.56 -2.99 18.60
C GLY B 258 11.16 -3.56 18.52
N THR B 259 10.98 -4.71 19.16
CA THR B 259 9.67 -5.34 19.23
C THR B 259 8.96 -4.99 20.54
N ALA B 260 7.68 -5.30 20.59
CA ALA B 260 6.79 -4.96 21.71
C ALA B 260 6.85 -6.05 22.79
N PRO B 261 6.40 -5.74 24.01
CA PRO B 261 6.46 -6.76 25.06
C PRO B 261 5.66 -8.01 24.68
N GLY B 262 6.31 -9.17 24.81
CA GLY B 262 5.67 -10.43 24.52
C GLY B 262 5.67 -10.80 23.05
N GLU B 263 6.03 -9.86 22.19
CA GLU B 263 6.06 -10.10 20.75
C GLU B 263 7.21 -11.02 20.35
N VAL B 264 6.87 -11.99 19.51
CA VAL B 264 7.84 -12.96 19.00
C VAL B 264 7.70 -12.99 17.49
N LEU B 265 8.74 -12.55 16.79
CA LEU B 265 8.74 -12.51 15.34
C LEU B 265 9.72 -13.51 14.77
N SER B 266 9.23 -14.39 13.92
CA SER B 266 10.12 -15.30 13.19
C SER B 266 10.95 -14.45 12.22
N MET B 267 12.26 -14.68 12.25
CA MET B 267 13.21 -13.97 11.41
C MET B 267 14.34 -14.90 11.02
N GLY B 268 14.69 -14.91 9.74
CA GLY B 268 15.89 -15.60 9.32
C GLY B 268 17.12 -14.80 9.70
N ILE B 269 18.00 -15.40 10.48
CA ILE B 269 19.24 -14.75 10.88
C ILE B 269 20.43 -15.69 10.74
N PRO B 270 21.63 -15.14 10.51
CA PRO B 270 22.84 -15.97 10.65
C PRO B 270 22.77 -16.68 12.00
N VAL B 271 22.97 -18.00 12.02
CA VAL B 271 22.82 -18.73 13.26
C VAL B 271 23.81 -18.23 14.32
N PRO B 272 23.31 -17.80 15.49
CA PRO B 272 24.22 -17.42 16.58
C PRO B 272 24.90 -18.63 17.18
N GLU B 273 26.20 -18.56 17.40
CA GLU B 273 26.94 -19.65 18.01
C GLU B 273 26.32 -20.14 19.31
N GLY B 274 25.81 -19.23 20.12
CA GLY B 274 25.33 -19.66 21.43
C GLY B 274 23.85 -20.05 21.50
N ASN B 275 23.22 -20.32 20.37
CA ASN B 275 21.76 -20.44 20.37
C ASN B 275 21.28 -21.63 21.20
N PRO B 276 20.10 -21.50 21.82
CA PRO B 276 19.69 -22.58 22.73
C PRO B 276 18.95 -23.74 22.07
N TYR B 277 18.88 -23.77 20.75
CA TYR B 277 18.03 -24.75 20.07
C TYR B 277 18.82 -25.76 19.23
N GLY B 278 20.12 -25.85 19.45
CA GLY B 278 20.90 -26.93 18.86
C GLY B 278 21.14 -26.79 17.37
N ILE B 279 21.16 -25.56 16.89
CA ILE B 279 21.41 -25.30 15.49
C ILE B 279 22.87 -24.90 15.27
N LYS B 280 23.48 -25.46 14.25
CA LYS B 280 24.88 -25.24 13.95
C LYS B 280 25.12 -23.91 13.24
N PRO B 281 26.16 -23.16 13.65
CA PRO B 281 26.49 -21.94 12.91
C PRO B 281 26.84 -22.25 11.46
N GLY B 282 26.60 -21.27 10.60
CA GLY B 282 27.07 -21.34 9.23
C GLY B 282 26.01 -21.16 8.17
N VAL B 283 24.74 -21.07 8.58
CA VAL B 283 23.64 -20.78 7.66
C VAL B 283 22.76 -19.67 8.23
N VAL B 284 21.77 -19.24 7.45
CA VAL B 284 20.75 -18.28 7.86
C VAL B 284 19.51 -19.11 8.11
N PHE B 285 18.94 -18.98 9.32
CA PHE B 285 17.94 -19.91 9.83
C PHE B 285 16.87 -19.09 10.51
N SER B 286 15.60 -19.37 10.23
CA SER B 286 14.52 -18.69 10.91
C SER B 286 14.36 -19.16 12.36
N PHE B 287 14.40 -18.19 13.27
CA PHE B 287 14.26 -18.42 14.69
C PHE B 287 13.16 -17.52 15.24
N PRO B 288 12.58 -17.91 16.39
CA PRO B 288 11.72 -16.96 17.11
C PRO B 288 12.60 -15.86 17.71
N CYS B 289 12.33 -14.61 17.33
CA CYS B 289 13.18 -13.49 17.71
C CYS B 289 12.42 -12.36 18.39
N ASN B 290 13.15 -11.61 19.21
CA ASN B 290 12.72 -10.26 19.52
C ASN B 290 13.85 -9.29 19.16
N VAL B 291 13.56 -8.00 19.26
CA VAL B 291 14.57 -6.99 18.89
C VAL B 291 14.58 -5.95 19.98
N ASP B 292 15.76 -5.58 20.46
CA ASP B 292 15.85 -4.62 21.55
C ASP B 292 15.81 -3.20 21.00
N LYS B 293 15.76 -2.21 21.89
CA LYS B 293 15.57 -0.82 21.47
C LYS B 293 16.76 -0.28 20.70
N GLU B 294 17.87 -1.00 20.77
CA GLU B 294 19.07 -0.66 20.03
C GLU B 294 19.12 -1.34 18.66
N GLY B 295 18.06 -2.07 18.32
CA GLY B 295 17.95 -2.68 17.00
C GLY B 295 18.73 -3.99 16.85
N LYS B 296 19.08 -4.61 17.97
CA LYS B 296 19.79 -5.89 17.94
C LYS B 296 18.80 -7.04 18.07
N ILE B 297 18.90 -7.99 17.14
CA ILE B 297 18.03 -9.16 17.14
C ILE B 297 18.53 -10.20 18.14
N HIS B 298 17.61 -10.77 18.94
CA HIS B 298 17.95 -11.86 19.86
C HIS B 298 17.00 -13.02 19.66
N VAL B 299 17.55 -14.23 19.65
CA VAL B 299 16.73 -15.43 19.65
C VAL B 299 16.03 -15.52 21.02
N VAL B 300 14.73 -15.74 20.99
CA VAL B 300 13.95 -15.87 22.21
C VAL B 300 14.27 -17.20 22.89
N GLU B 301 14.60 -17.14 24.18
CA GLU B 301 14.93 -18.33 24.95
C GLU B 301 13.66 -18.91 25.58
N GLY B 302 13.71 -20.20 25.90
CA GLY B 302 12.71 -20.82 26.76
C GLY B 302 11.67 -21.65 26.04
N PHE B 303 11.69 -21.66 24.71
CA PHE B 303 10.79 -22.55 24.00
C PHE B 303 11.28 -23.99 24.14
N LYS B 304 10.36 -24.93 23.95
CA LYS B 304 10.65 -26.34 24.21
C LYS B 304 10.78 -27.09 22.90
N VAL B 305 11.74 -28.01 22.87
CA VAL B 305 11.95 -28.80 21.68
C VAL B 305 11.60 -30.25 21.97
N ASN B 306 10.39 -30.65 21.57
CA ASN B 306 9.98 -32.04 21.70
C ASN B 306 10.58 -32.89 20.57
N ASP B 307 10.31 -34.19 20.59
CA ASP B 307 10.93 -35.09 19.62
C ASP B 307 10.55 -34.70 18.19
N TRP B 308 9.30 -34.33 18.00
CA TRP B 308 8.84 -33.91 16.68
C TRP B 308 9.62 -32.70 16.21
N LEU B 309 9.70 -31.68 17.05
CA LEU B 309 10.36 -30.44 16.67
C LEU B 309 11.85 -30.67 16.45
N ARG B 310 12.48 -31.49 17.29
CA ARG B 310 13.90 -31.79 17.14
C ARG B 310 14.18 -32.35 15.74
N GLU B 311 13.36 -33.30 15.33
CA GLU B 311 13.53 -33.93 14.05
C GLU B 311 13.32 -32.91 12.92
N LYS B 312 12.29 -32.07 13.03
CA LYS B 312 12.02 -31.05 12.01
C LYS B 312 13.15 -30.03 11.90
N LEU B 313 13.65 -29.59 13.04
CA LEU B 313 14.78 -28.65 13.08
C LEU B 313 16.03 -29.24 12.46
N ASP B 314 16.32 -30.49 12.80
CA ASP B 314 17.50 -31.14 12.26
C ASP B 314 17.40 -31.29 10.74
N PHE B 315 16.20 -31.61 10.25
CA PHE B 315 16.00 -31.80 8.81
C PHE B 315 16.17 -30.48 8.04
N THR B 316 15.62 -29.38 8.57
CA THR B 316 15.71 -28.10 7.87
C THR B 316 17.13 -27.55 7.99
N GLU B 317 17.81 -27.83 9.09
CA GLU B 317 19.23 -27.48 9.22
C GLU B 317 20.08 -28.16 8.14
N LYS B 318 19.89 -29.46 8.02
CA LYS B 318 20.60 -30.25 7.00
C LYS B 318 20.31 -29.66 5.61
N ASP B 319 19.05 -29.31 5.36
CA ASP B 319 18.60 -28.74 4.10
C ASP B 319 19.36 -27.44 3.79
N LEU B 320 19.47 -26.56 4.80
CA LEU B 320 20.17 -25.31 4.62
C LEU B 320 21.66 -25.47 4.31
N PHE B 321 22.33 -26.39 5.02
CA PHE B 321 23.74 -26.62 4.73
C PHE B 321 23.91 -27.16 3.30
N HIS B 322 22.96 -27.98 2.89
CA HIS B 322 23.00 -28.50 1.53
C HIS B 322 22.81 -27.39 0.48
N GLU B 323 21.83 -26.50 0.69
CA GLU B 323 21.65 -25.39 -0.26
C GLU B 323 22.91 -24.56 -0.34
N LYS B 324 23.53 -24.29 0.80
CA LYS B 324 24.76 -23.51 0.83
C LYS B 324 25.88 -24.19 0.00
N GLU B 325 26.03 -25.49 0.18
CA GLU B 325 27.00 -26.25 -0.60
C GLU B 325 26.73 -26.13 -2.09
N ILE B 326 25.47 -26.23 -2.49
CA ILE B 326 25.10 -26.08 -3.90
C ILE B 326 25.51 -24.70 -4.43
N ALA B 327 25.20 -23.66 -3.68
CA ALA B 327 25.50 -22.29 -4.10
C ALA B 327 27.02 -22.08 -4.21
N LEU B 328 27.76 -22.50 -3.19
CA LEU B 328 29.21 -22.28 -3.20
C LEU B 328 29.87 -23.12 -4.31
N ASN B 329 29.34 -24.32 -4.55
CA ASN B 329 29.90 -25.14 -5.62
C ASN B 329 29.65 -24.53 -7.00
N HIS B 330 28.46 -24.00 -7.21
CA HIS B 330 28.17 -23.33 -8.47
C HIS B 330 29.15 -22.20 -8.71
N LEU B 331 29.33 -21.35 -7.71
CA LEU B 331 30.26 -20.23 -7.81
C LEU B 331 31.66 -20.72 -8.11
N ALA B 332 32.09 -21.76 -7.42
CA ALA B 332 33.41 -22.34 -7.63
C ALA B 332 33.56 -22.89 -9.05
N GLN B 333 32.52 -23.50 -9.59
CA GLN B 333 32.62 -24.07 -10.93
C GLN B 333 32.73 -22.98 -11.98
N LEU B 334 32.01 -21.87 -11.78
CA LEU B 334 32.12 -20.75 -12.71
C LEU B 334 33.53 -20.18 -12.68
N GLU B 335 34.07 -19.99 -11.48
CA GLU B 335 35.44 -19.49 -11.33
C GLU B 335 36.45 -20.41 -12.03
N HIS B 336 36.28 -21.72 -11.85
CA HIS B 336 37.16 -22.71 -12.47
C HIS B 336 37.11 -22.60 -13.99
N HIS B 337 35.91 -22.46 -14.54
CA HIS B 337 35.73 -22.34 -15.98
C HIS B 337 36.42 -21.11 -16.56
N HIS B 338 36.53 -20.05 -15.76
CA HIS B 338 37.22 -18.84 -16.23
C HIS B 338 38.72 -19.08 -16.33
#